data_9CN0
#
_entry.id   9CN0
#
_cell.length_a   1.00
_cell.length_b   1.00
_cell.length_c   1.00
_cell.angle_alpha   90.00
_cell.angle_beta   90.00
_cell.angle_gamma   90.00
#
_symmetry.space_group_name_H-M   'P 1'
#
loop_
_entity.id
_entity.type
_entity.pdbx_description
1 polymer 'Outer membrane protein assembly factor BamA'
2 polymer 'Outer membrane protein assembly factor BamD'
3 polymer 'Outer membrane protein assembly factor BamE'
#
loop_
_entity_poly.entity_id
_entity_poly.type
_entity_poly.pdbx_seq_one_letter_code
_entity_poly.pdbx_strand_id
1 'polypeptide(L)'
;MGKYLLPTAAAGLLLLAAQPAMDFTIQDIRVEGLQRTEPSTVFNYLPVKVGDTYNDTHGSAIIKSLYATGFFDDVRVETA
DGQLLLTVIERPTIGSLNITGAKMLQNDAIKKNLESFGLAQSQYFNQATLNQAVAGLKEEYLGRGKLNIQITPKVTKLAR
NRVDIDITIDEGKSAKITDIEFEGNQVYSDRKLMRQMSLTEGGIWTWLTRSDRFDRQKFAQDMEKVTDFYQNNGYFDFRI
LDTDIQTNEDKTRQTIKITVHEGGRFRWGKVSIEGDTNEVPKAELEKLLTMKPGKWYERQQMTAVLGEIQNRMGSAGYAY
SEISVQPLPNAGTKTVDFVLHIEPGRKIYVNEIHITGNNKTRDEVVRRELRQMESAPYDTSKLQRSKERVELLGYFDNVQ
FDAVPLAGTPDKVDLNMSLTERSTGSLDLSAGWVQDTGLVMSAGVSQDNLFGTGKSAALRASRSKTTLNGSLSFTDPYFT
ADGVSLGYDIYGKAFDPRKASTSVKQYKTTTAGGGVRMGIPVTEYDRVNFGLAAEHLTVNTYNKAPKRYADFIRKYGKTD
GADGSFKGLLYKGTVGWGRNKTDSASWPTRGYLTGVNAEIALPGSKLQYYSATHNQTWFFPLSKTFTLMLGGEVGIAGGY
GRTKEIPFFENFYGGGLGSVRGYESGTLGPKVYDEYGEKISYGGNKKANVSAELLFPMPGAKDARTVRLSLFADAGSVWD
GRTYTAAENGNNKSVYSENAHKSTFTNELRYSAGGAVTWLSPLGPMKFSYAYPLKKKPEDEIQRFQFQLGTTF
;
A
2 'polypeptide(L)'
;MGKYLLPTAAAGLLLLAAQPAMATQGTADKDAQITQDWSVEKLYAEAQDELNSSNYTRAVKLYEILESRFPTSRHARQSQ
LDTAYAYYKDDEKDKALAAIERFRRLHPQHPNMDYALYLRGLVLFNEDQSFLNKLASQDWSDRDPKANREAYQAFAELVQ
RFPNSKYAADATARMVKLVDALGGNEMSVARYYMKRGAYIAAANRAKKIIGSYQNTRYVEESLAILELAYKKLDKPQLAA
DTRRVLETNFPKSPFLTHAWQPDDMPWWRYWH
;
D
3 'polypeptide(L)'
;MQLRKLLLPGLLSVTLLSGCAMDSVERVSLFPSYKLKIIQGNELEPRAVAALRPGMTKDQVLLLLGSPILRDAFHTDRWD
YTFNTSRNGIIKERSNLTVYFENGVLVRTEGDALQNAAEALRAKQNADKQHHHHHHHHHH
;
E
#
# COMPACT_ATOMS: atom_id res chain seq x y z
N ASP A 23 -12.31 65.52 11.71
CA ASP A 23 -12.63 64.28 11.02
C ASP A 23 -13.09 64.55 9.59
N PHE A 24 -12.86 63.59 8.70
CA PHE A 24 -13.24 63.72 7.30
C PHE A 24 -13.97 62.47 6.84
N THR A 25 -14.97 62.68 5.99
CA THR A 25 -15.80 61.60 5.45
C THR A 25 -15.35 61.28 4.03
N ILE A 26 -15.34 59.99 3.70
CA ILE A 26 -14.86 59.53 2.40
C ILE A 26 -15.92 59.82 1.34
N GLN A 27 -15.50 60.45 0.25
CA GLN A 27 -16.39 60.73 -0.89
C GLN A 27 -15.62 60.42 -2.17
N ASP A 28 -15.72 59.17 -2.64
CA ASP A 28 -15.18 58.76 -3.93
C ASP A 28 -13.68 59.05 -4.03
N ILE A 29 -12.93 58.32 -3.22
CA ILE A 29 -11.48 58.48 -3.14
C ILE A 29 -10.88 58.37 -4.54
N ARG A 30 -10.19 59.41 -4.98
CA ARG A 30 -9.57 59.43 -6.29
C ARG A 30 -8.18 58.82 -6.17
N VAL A 31 -8.12 57.49 -6.23
CA VAL A 31 -6.85 56.77 -6.17
C VAL A 31 -6.17 56.89 -7.52
N GLU A 32 -5.05 57.60 -7.56
CA GLU A 32 -4.32 57.82 -8.80
C GLU A 32 -2.94 57.19 -8.70
N GLY A 33 -2.19 57.27 -9.80
CA GLY A 33 -0.88 56.65 -9.86
C GLY A 33 -0.90 55.17 -10.08
N LEU A 34 -2.07 54.57 -10.30
CA LEU A 34 -2.20 53.15 -10.49
C LEU A 34 -1.95 52.77 -11.95
N GLN A 35 -1.57 51.51 -12.16
CA GLN A 35 -1.20 51.02 -13.48
C GLN A 35 -2.18 49.97 -14.00
N ARG A 36 -2.37 48.88 -13.26
CA ARG A 36 -3.31 47.83 -13.63
C ARG A 36 -4.05 47.34 -12.39
N THR A 37 -4.44 48.27 -11.53
CA THR A 37 -5.00 47.92 -10.23
C THR A 37 -6.52 47.88 -10.22
N GLU A 38 -7.19 48.25 -11.32
CA GLU A 38 -8.64 48.30 -11.45
C GLU A 38 -9.26 48.87 -10.19
N PRO A 39 -9.15 50.18 -9.97
CA PRO A 39 -9.48 50.78 -8.66
C PRO A 39 -10.83 50.37 -8.08
N SER A 40 -11.72 49.83 -8.91
CA SER A 40 -12.96 49.28 -8.37
C SER A 40 -12.67 48.14 -7.40
N THR A 41 -11.88 47.16 -7.83
CA THR A 41 -11.47 46.10 -6.92
C THR A 41 -10.56 46.62 -5.81
N VAL A 42 -9.93 47.77 -6.01
CA VAL A 42 -9.18 48.39 -4.92
C VAL A 42 -10.13 48.84 -3.83
N PHE A 43 -11.19 49.57 -4.21
CA PHE A 43 -12.17 50.02 -3.24
C PHE A 43 -12.87 48.82 -2.59
N ASN A 44 -13.08 47.76 -3.37
CA ASN A 44 -13.57 46.51 -2.79
C ASN A 44 -12.59 45.97 -1.78
N TYR A 45 -11.29 46.03 -2.09
CA TYR A 45 -10.26 45.62 -1.14
C TYR A 45 -10.09 46.64 -0.03
N LEU A 46 -10.53 47.86 -0.23
CA LEU A 46 -10.50 48.85 0.83
C LEU A 46 -11.48 48.47 1.93
N PRO A 47 -11.05 48.44 3.20
CA PRO A 47 -11.99 48.16 4.29
C PRO A 47 -13.04 49.25 4.50
N VAL A 48 -12.99 50.33 3.73
CA VAL A 48 -13.95 51.43 3.82
C VAL A 48 -14.46 51.77 2.43
N LYS A 49 -15.62 52.39 2.39
CA LYS A 49 -16.25 52.78 1.13
C LYS A 49 -16.65 54.26 1.18
N VAL A 50 -17.37 54.71 0.16
CA VAL A 50 -17.78 56.11 0.09
C VAL A 50 -18.74 56.41 1.24
N GLY A 51 -18.52 57.53 1.91
CA GLY A 51 -19.34 57.91 3.05
C GLY A 51 -18.80 57.48 4.40
N ASP A 52 -17.55 57.05 4.47
CA ASP A 52 -16.95 56.56 5.71
C ASP A 52 -16.06 57.63 6.30
N THR A 53 -16.23 57.88 7.60
CA THR A 53 -15.42 58.85 8.32
C THR A 53 -14.07 58.25 8.66
N TYR A 54 -13.00 59.00 8.40
CA TYR A 54 -11.64 58.49 8.54
C TYR A 54 -10.65 59.60 8.85
N ASN A 55 -9.80 59.37 9.86
CA ASN A 55 -8.59 60.16 10.04
C ASN A 55 -7.32 59.34 9.95
N ASP A 56 -7.14 58.34 10.83
CA ASP A 56 -5.91 57.56 10.83
C ASP A 56 -6.10 56.08 11.14
N THR A 57 -7.34 55.62 11.33
CA THR A 57 -7.54 54.29 11.90
C THR A 57 -7.17 53.19 10.89
N HIS A 58 -7.60 53.34 9.65
CA HIS A 58 -7.43 52.32 8.62
C HIS A 58 -6.14 52.48 7.82
N GLY A 59 -5.32 53.48 8.11
CA GLY A 59 -4.11 53.67 7.32
C GLY A 59 -3.16 52.49 7.40
N SER A 60 -2.83 52.09 8.62
CA SER A 60 -1.94 50.95 8.81
C SER A 60 -2.58 49.67 8.30
N ALA A 61 -3.88 49.49 8.53
CA ALA A 61 -4.56 48.29 8.06
C ALA A 61 -4.51 48.18 6.55
N ILE A 62 -4.76 49.28 5.85
CA ILE A 62 -4.74 49.25 4.38
C ILE A 62 -3.32 49.08 3.88
N ILE A 63 -2.36 49.76 4.50
CA ILE A 63 -0.98 49.66 4.04
C ILE A 63 -0.47 48.23 4.22
N LYS A 64 -0.81 47.58 5.34
CA LYS A 64 -0.40 46.20 5.52
C LYS A 64 -1.20 45.25 4.62
N SER A 65 -2.46 45.58 4.33
CA SER A 65 -3.24 44.76 3.42
C SER A 65 -2.65 44.76 2.02
N LEU A 66 -2.21 45.94 1.55
CA LEU A 66 -1.60 46.01 0.22
C LEU A 66 -0.19 45.46 0.24
N TYR A 67 0.52 45.57 1.36
CA TYR A 67 1.83 44.93 1.47
C TYR A 67 1.68 43.42 1.39
N ALA A 68 0.65 42.88 2.03
CA ALA A 68 0.24 41.51 1.79
C ALA A 68 -0.31 41.38 0.38
N THR A 69 -0.32 40.15 -0.13
CA THR A 69 -0.72 39.82 -1.49
C THR A 69 0.14 40.51 -2.55
N GLY A 70 1.24 41.12 -2.14
CA GLY A 70 2.20 41.70 -3.06
C GLY A 70 1.64 42.78 -3.96
N PHE A 71 0.84 43.68 -3.40
CA PHE A 71 0.19 44.69 -4.23
C PHE A 71 1.14 45.83 -4.59
N PHE A 72 1.66 46.53 -3.60
CA PHE A 72 2.51 47.69 -3.84
C PHE A 72 3.64 47.71 -2.84
N ASP A 73 4.39 48.82 -2.84
CA ASP A 73 5.46 49.05 -1.89
C ASP A 73 5.45 50.43 -1.26
N ASP A 74 4.83 51.43 -1.89
CA ASP A 74 4.80 52.79 -1.36
C ASP A 74 3.47 53.42 -1.74
N VAL A 75 2.57 53.52 -0.77
CA VAL A 75 1.27 54.13 -0.97
C VAL A 75 1.08 55.20 0.10
N ARG A 76 0.63 56.38 -0.33
CA ARG A 76 0.44 57.51 0.57
C ARG A 76 -1.01 57.96 0.55
N VAL A 77 -1.53 58.31 1.73
CA VAL A 77 -2.90 58.73 1.90
C VAL A 77 -2.90 60.09 2.60
N GLU A 78 -3.73 61.01 2.09
CA GLU A 78 -3.89 62.33 2.69
C GLU A 78 -5.37 62.69 2.65
N THR A 79 -5.72 63.79 3.31
CA THR A 79 -7.08 64.30 3.33
C THR A 79 -7.17 65.51 2.42
N ALA A 80 -7.98 65.39 1.36
CA ALA A 80 -8.12 66.48 0.40
C ALA A 80 -9.50 66.34 -0.27
N ASP A 81 -10.46 67.14 0.20
CA ASP A 81 -11.79 67.28 -0.39
C ASP A 81 -12.41 65.97 -0.88
N GLY A 82 -12.24 64.91 -0.11
CA GLY A 82 -12.88 63.64 -0.43
C GLY A 82 -12.20 62.85 -1.52
N GLN A 83 -11.44 63.54 -2.38
CA GLN A 83 -10.70 62.90 -3.46
C GLN A 83 -9.26 62.75 -2.99
N LEU A 84 -8.99 61.67 -2.27
CA LEU A 84 -7.68 61.45 -1.66
C LEU A 84 -6.76 60.79 -2.68
N LEU A 85 -5.62 61.42 -2.94
CA LEU A 85 -4.66 60.93 -3.93
C LEU A 85 -3.90 59.76 -3.34
N LEU A 86 -4.36 58.54 -3.63
CA LEU A 86 -3.69 57.33 -3.17
C LEU A 86 -2.72 56.86 -4.24
N THR A 87 -1.56 57.52 -4.30
CA THR A 87 -0.51 57.09 -5.20
C THR A 87 -0.05 55.68 -4.84
N VAL A 88 0.09 54.84 -5.86
CA VAL A 88 0.45 53.44 -5.67
C VAL A 88 1.50 53.06 -6.71
N ILE A 89 2.47 52.27 -6.30
CA ILE A 89 3.51 51.76 -7.20
C ILE A 89 3.36 50.24 -7.26
N GLU A 90 3.04 49.73 -8.45
CA GLU A 90 2.77 48.31 -8.60
C GLU A 90 3.97 47.49 -8.19
N ARG A 91 3.73 46.50 -7.35
CA ARG A 91 4.78 45.57 -6.99
C ARG A 91 5.18 44.74 -8.21
N PRO A 92 6.47 44.50 -8.41
CA PRO A 92 6.90 43.70 -9.57
C PRO A 92 6.29 42.31 -9.53
N THR A 93 5.93 41.82 -10.70
CA THR A 93 5.29 40.52 -10.86
C THR A 93 6.08 39.72 -11.88
N ILE A 94 6.61 38.57 -11.47
CA ILE A 94 7.44 37.78 -12.38
C ILE A 94 6.53 37.01 -13.32
N GLY A 95 6.22 37.61 -14.46
CA GLY A 95 5.42 36.91 -15.46
C GLY A 95 6.14 35.69 -15.99
N SER A 96 7.42 35.84 -16.32
CA SER A 96 8.23 34.75 -16.85
C SER A 96 9.42 34.50 -15.93
N LEU A 97 9.63 33.25 -15.58
CA LEU A 97 10.73 32.82 -14.73
C LEU A 97 11.67 31.91 -15.51
N ASN A 98 12.94 31.96 -15.17
CA ASN A 98 13.95 31.15 -15.84
C ASN A 98 14.91 30.58 -14.82
N ILE A 99 15.55 29.48 -15.20
CA ILE A 99 16.46 28.75 -14.31
C ILE A 99 17.72 28.39 -15.06
N THR A 100 18.84 28.41 -14.34
CA THR A 100 20.11 27.96 -14.86
C THR A 100 21.02 27.64 -13.67
N GLY A 101 22.27 27.30 -13.96
CA GLY A 101 23.19 26.92 -12.91
C GLY A 101 22.92 25.58 -12.29
N ALA A 102 21.94 24.83 -12.80
CA ALA A 102 21.59 23.53 -12.24
C ALA A 102 22.59 22.50 -12.76
N LYS A 103 23.61 22.23 -11.96
CA LYS A 103 24.66 21.30 -12.34
C LYS A 103 24.56 20.00 -11.55
N MET A 104 24.59 20.08 -10.22
CA MET A 104 24.42 18.89 -9.40
C MET A 104 23.02 18.31 -9.56
N LEU A 105 22.01 19.16 -9.61
CA LEU A 105 20.63 18.75 -9.81
C LEU A 105 20.15 19.17 -11.19
N GLN A 106 19.07 18.54 -11.64
CA GLN A 106 18.53 18.80 -12.95
C GLN A 106 17.68 20.07 -12.93
N ASN A 107 17.29 20.52 -14.12
CA ASN A 107 16.43 21.69 -14.24
C ASN A 107 15.07 21.46 -13.61
N ASP A 108 14.51 20.26 -13.82
CA ASP A 108 13.19 19.97 -13.27
C ASP A 108 13.19 20.01 -11.75
N ALA A 109 14.23 19.45 -11.13
CA ALA A 109 14.29 19.39 -9.68
C ALA A 109 14.31 20.79 -9.08
N ILE A 110 15.20 21.64 -9.58
CA ILE A 110 15.29 23.00 -9.08
C ILE A 110 14.00 23.76 -9.39
N LYS A 111 13.40 23.47 -10.54
CA LYS A 111 12.16 24.15 -10.92
C LYS A 111 11.05 23.84 -9.93
N LYS A 112 10.85 22.55 -9.62
CA LYS A 112 9.78 22.21 -8.69
C LYS A 112 10.09 22.70 -7.29
N ASN A 113 11.33 22.56 -6.83
CA ASN A 113 11.61 22.99 -5.47
C ASN A 113 11.61 24.51 -5.32
N LEU A 114 11.71 25.25 -6.42
CA LEU A 114 11.53 26.70 -6.30
C LEU A 114 10.06 27.07 -6.37
N GLU A 115 9.31 26.48 -7.31
CA GLU A 115 7.89 26.81 -7.40
C GLU A 115 7.13 26.34 -6.18
N SER A 116 7.71 25.43 -5.39
CA SER A 116 7.11 25.05 -4.12
C SER A 116 7.04 26.22 -3.15
N PHE A 117 7.79 27.28 -3.41
CA PHE A 117 7.81 28.47 -2.56
C PHE A 117 7.31 29.68 -3.33
N GLY A 118 6.26 29.49 -4.12
CA GLY A 118 5.73 30.56 -4.92
C GLY A 118 6.36 30.60 -6.30
N LEU A 119 6.79 31.79 -6.72
CA LEU A 119 7.51 31.98 -7.98
C LEU A 119 6.71 31.51 -9.18
N ALA A 120 5.39 31.71 -9.14
CA ALA A 120 4.53 31.33 -10.26
C ALA A 120 4.45 32.48 -11.25
N GLN A 121 3.52 32.37 -12.19
CA GLN A 121 3.28 33.43 -13.15
C GLN A 121 2.88 34.70 -12.41
N SER A 122 3.61 35.80 -12.65
CA SER A 122 3.36 37.04 -11.94
C SER A 122 3.49 36.82 -10.45
N GLN A 123 2.35 36.56 -9.79
CA GLN A 123 2.31 36.15 -8.38
C GLN A 123 2.86 37.24 -7.46
N TYR A 124 2.97 38.46 -7.97
CA TYR A 124 3.37 39.62 -7.17
C TYR A 124 4.74 39.41 -6.51
N PHE A 125 5.76 39.32 -7.37
CA PHE A 125 7.10 39.01 -6.88
C PHE A 125 7.59 40.03 -5.87
N ASN A 126 8.24 39.54 -4.82
CA ASN A 126 8.80 40.36 -3.77
C ASN A 126 10.27 40.03 -3.59
N GLN A 127 11.06 41.04 -3.25
CA GLN A 127 12.49 40.84 -3.03
C GLN A 127 12.74 39.95 -1.82
N ALA A 128 11.96 40.12 -0.76
CA ALA A 128 12.15 39.29 0.43
C ALA A 128 11.92 37.83 0.13
N THR A 129 10.96 37.53 -0.76
CA THR A 129 10.77 36.17 -1.22
C THR A 129 12.03 35.67 -1.93
N LEU A 130 12.62 36.51 -2.78
CA LEU A 130 13.90 36.17 -3.38
C LEU A 130 14.93 35.82 -2.32
N ASN A 131 15.04 36.64 -1.29
CA ASN A 131 16.07 36.46 -0.29
C ASN A 131 15.87 35.16 0.48
N GLN A 132 14.65 34.92 0.93
CA GLN A 132 14.40 33.68 1.66
C GLN A 132 14.61 32.46 0.78
N ALA A 133 14.20 32.54 -0.49
CA ALA A 133 14.37 31.40 -1.39
C ALA A 133 15.84 31.11 -1.62
N VAL A 134 16.64 32.14 -1.88
CA VAL A 134 18.06 31.92 -2.14
C VAL A 134 18.75 31.42 -0.89
N ALA A 135 18.36 31.93 0.29
CA ALA A 135 18.95 31.43 1.52
C ALA A 135 18.63 29.96 1.72
N GLY A 136 17.37 29.57 1.49
CA GLY A 136 17.00 28.18 1.67
C GLY A 136 17.75 27.26 0.72
N LEU A 137 17.81 27.63 -0.56
CA LEU A 137 18.51 26.77 -1.50
C LEU A 137 19.99 26.69 -1.18
N LYS A 138 20.60 27.82 -0.79
CA LYS A 138 22.02 27.80 -0.41
C LYS A 138 22.25 26.86 0.75
N GLU A 139 21.36 26.90 1.75
CA GLU A 139 21.50 26.01 2.89
C GLU A 139 21.35 24.56 2.46
N GLU A 140 20.42 24.31 1.54
CA GLU A 140 20.23 22.95 1.04
C GLU A 140 21.51 22.44 0.38
N TYR A 141 22.17 23.28 -0.41
CA TYR A 141 23.36 22.82 -1.12
C TYR A 141 24.52 22.63 -0.16
N LEU A 142 24.69 23.55 0.79
CA LEU A 142 25.77 23.39 1.75
C LEU A 142 25.53 22.22 2.69
N GLY A 143 24.27 21.78 2.83
CA GLY A 143 23.99 20.61 3.63
C GLY A 143 24.68 19.37 3.08
N ARG A 144 24.79 19.28 1.76
CA ARG A 144 25.52 18.20 1.12
C ARG A 144 27.01 18.53 1.11
N GLY A 145 27.79 17.74 0.38
CA GLY A 145 29.22 17.95 0.29
C GLY A 145 29.61 19.01 -0.73
N LYS A 146 29.03 20.20 -0.60
CA LYS A 146 29.34 21.32 -1.49
C LYS A 146 29.38 22.60 -0.67
N LEU A 147 30.56 23.19 -0.58
CA LEU A 147 30.77 24.38 0.25
C LEU A 147 31.33 25.56 -0.54
N ASN A 148 32.31 25.33 -1.41
CA ASN A 148 32.89 26.42 -2.20
C ASN A 148 32.05 26.61 -3.46
N ILE A 149 30.88 27.22 -3.24
CA ILE A 149 29.85 27.32 -4.26
C ILE A 149 29.61 28.79 -4.56
N GLN A 150 29.60 29.15 -5.83
CA GLN A 150 29.31 30.51 -6.27
C GLN A 150 27.82 30.61 -6.56
N ILE A 151 27.13 31.40 -5.75
CA ILE A 151 25.68 31.57 -5.85
C ILE A 151 25.44 33.01 -6.26
N THR A 152 25.18 33.24 -7.55
CA THR A 152 25.02 34.58 -8.10
C THR A 152 23.76 34.63 -8.97
N PRO A 153 22.60 34.89 -8.36
CA PRO A 153 21.40 35.11 -9.15
C PRO A 153 21.49 36.43 -9.91
N LYS A 154 20.80 36.49 -11.04
CA LYS A 154 20.76 37.69 -11.87
C LYS A 154 19.33 38.08 -12.15
N VAL A 155 19.06 39.39 -12.08
CA VAL A 155 17.73 39.95 -12.27
C VAL A 155 17.75 40.78 -13.56
N THR A 156 16.81 40.49 -14.45
CA THR A 156 16.65 41.23 -15.70
C THR A 156 15.26 41.86 -15.71
N LYS A 157 15.21 43.16 -16.01
CA LYS A 157 13.95 43.90 -16.01
C LYS A 157 13.24 43.66 -17.34
N LEU A 158 12.21 42.82 -17.32
CA LEU A 158 11.36 42.61 -18.47
C LEU A 158 10.33 43.73 -18.56
N ALA A 159 9.25 43.51 -19.31
CA ALA A 159 8.25 44.54 -19.58
C ALA A 159 7.60 45.06 -18.31
N ARG A 160 6.70 46.03 -18.47
CA ARG A 160 6.27 46.93 -17.39
C ARG A 160 6.19 46.26 -16.02
N ASN A 161 5.60 45.08 -15.95
CA ASN A 161 5.52 44.36 -14.69
C ASN A 161 6.33 43.06 -14.69
N ARG A 162 6.49 42.42 -15.84
CA ARG A 162 7.24 41.17 -15.91
C ARG A 162 8.70 41.42 -15.57
N VAL A 163 9.30 40.47 -14.85
CA VAL A 163 10.71 40.49 -14.51
C VAL A 163 11.23 39.06 -14.66
N ASP A 164 12.53 38.92 -14.85
CA ASP A 164 13.16 37.61 -14.94
C ASP A 164 14.28 37.47 -13.91
N ILE A 165 14.44 36.27 -13.40
CA ILE A 165 15.52 35.90 -12.50
C ILE A 165 16.15 34.61 -13.02
N ASP A 166 17.47 34.51 -12.90
CA ASP A 166 18.16 33.25 -13.20
C ASP A 166 19.33 33.10 -12.23
N ILE A 167 19.27 32.04 -11.42
CA ILE A 167 20.34 31.72 -10.50
C ILE A 167 21.52 31.12 -11.25
N THR A 168 22.72 31.56 -10.90
CA THR A 168 23.94 30.98 -11.44
C THR A 168 24.69 30.29 -10.32
N ILE A 169 24.93 28.99 -10.48
CA ILE A 169 25.57 28.18 -9.46
C ILE A 169 26.85 27.62 -10.04
N ASP A 170 27.98 27.97 -9.43
CA ASP A 170 29.30 27.49 -9.84
C ASP A 170 29.87 26.70 -8.67
N GLU A 171 29.71 25.39 -8.71
CA GLU A 171 30.09 24.53 -7.61
C GLU A 171 31.61 24.36 -7.54
N GLY A 172 32.08 24.01 -6.35
CA GLY A 172 33.48 23.73 -6.15
C GLY A 172 33.87 22.38 -6.71
N LYS A 173 35.14 22.03 -6.51
CA LYS A 173 35.65 20.75 -6.99
C LYS A 173 34.90 19.61 -6.33
N SER A 174 35.05 19.48 -5.01
CA SER A 174 34.34 18.50 -4.21
C SER A 174 34.73 18.71 -2.75
N ALA A 175 34.09 17.96 -1.88
CA ALA A 175 34.40 17.97 -0.45
C ALA A 175 34.71 16.54 -0.05
N LYS A 176 35.99 16.23 0.13
CA LYS A 176 36.43 14.89 0.46
C LYS A 176 36.98 14.83 1.88
N ILE A 177 36.67 13.74 2.56
CA ILE A 177 37.12 13.51 3.92
C ILE A 177 38.45 12.77 3.86
N THR A 178 39.51 13.44 4.27
CA THR A 178 40.85 12.87 4.19
C THR A 178 41.13 11.93 5.38
N ASP A 179 41.08 12.47 6.59
CA ASP A 179 41.48 11.75 7.78
C ASP A 179 40.30 11.56 8.72
N ILE A 180 40.26 10.39 9.35
CA ILE A 180 39.28 10.07 10.38
C ILE A 180 40.04 9.61 11.61
N GLU A 181 39.78 10.24 12.76
CA GLU A 181 40.56 9.98 13.95
C GLU A 181 39.70 10.19 15.19
N PHE A 182 40.15 9.61 16.30
CA PHE A 182 39.32 9.52 17.49
C PHE A 182 40.21 9.55 18.73
N GLU A 183 39.59 9.79 19.87
CA GLU A 183 40.26 9.70 21.16
C GLU A 183 39.51 8.72 22.06
N GLY A 184 40.19 8.28 23.11
CA GLY A 184 39.62 7.30 24.01
C GLY A 184 39.51 5.91 23.42
N ASN A 185 40.32 5.60 22.40
CA ASN A 185 40.21 4.33 21.69
C ASN A 185 41.06 3.25 22.34
N GLN A 186 40.95 3.14 23.66
CA GLN A 186 41.64 2.09 24.40
C GLN A 186 40.82 0.82 24.52
N VAL A 187 39.52 0.87 24.20
CA VAL A 187 38.67 -0.29 24.32
C VAL A 187 38.67 -1.12 23.03
N TYR A 188 38.82 -0.47 21.87
CA TYR A 188 38.78 -1.18 20.60
C TYR A 188 39.72 -0.50 19.62
N SER A 189 40.32 -1.30 18.75
CA SER A 189 41.27 -0.78 17.78
C SER A 189 40.56 0.11 16.77
N ASP A 190 41.20 1.24 16.45
CA ASP A 190 40.63 2.15 15.46
C ASP A 190 40.46 1.47 14.10
N ARG A 191 41.31 0.50 13.78
CA ARG A 191 41.15 -0.22 12.52
C ARG A 191 39.81 -0.93 12.47
N LYS A 192 39.51 -1.72 13.50
CA LYS A 192 38.25 -2.47 13.52
C LYS A 192 37.05 -1.53 13.57
N LEU A 193 37.14 -0.48 14.38
CA LEU A 193 36.01 0.44 14.50
C LEU A 193 35.76 1.18 13.19
N MET A 194 36.83 1.66 12.54
CA MET A 194 36.68 2.31 11.25
C MET A 194 36.17 1.33 10.20
N ARG A 195 36.51 0.05 10.35
CA ARG A 195 35.87 -0.97 9.52
C ARG A 195 34.37 -1.01 9.80
N GLN A 196 33.99 -0.87 11.07
CA GLN A 196 32.58 -0.96 11.45
C GLN A 196 31.80 0.24 10.92
N MET A 197 32.35 1.45 11.07
CA MET A 197 31.64 2.64 10.65
C MET A 197 31.48 2.67 9.13
N SER A 198 30.31 3.12 8.68
CA SER A 198 29.93 2.99 7.28
C SER A 198 30.25 4.22 6.45
N LEU A 199 31.47 4.72 6.55
CA LEU A 199 31.95 5.78 5.67
C LEU A 199 33.36 5.45 5.21
N THR A 200 33.75 6.05 4.10
CA THR A 200 35.01 5.72 3.44
C THR A 200 35.99 6.87 3.52
N GLU A 201 37.23 6.58 3.11
CA GLU A 201 38.28 7.57 2.93
C GLU A 201 38.90 7.39 1.55
N GLY A 202 40.03 8.05 1.31
CA GLY A 202 40.68 7.93 0.00
C GLY A 202 41.10 6.50 -0.28
N GLY A 203 40.87 6.08 -1.52
CA GLY A 203 41.25 4.74 -1.94
C GLY A 203 41.00 4.56 -3.42
N ILE A 204 41.44 3.41 -3.93
CA ILE A 204 41.31 3.10 -5.35
C ILE A 204 39.96 2.48 -5.67
N TRP A 205 39.53 1.47 -4.92
CA TRP A 205 38.21 0.90 -5.13
C TRP A 205 37.10 1.79 -4.61
N THR A 206 37.44 2.83 -3.87
CA THR A 206 36.46 3.82 -3.43
C THR A 206 36.29 4.96 -4.41
N TRP A 207 37.12 5.02 -5.47
CA TRP A 207 36.96 6.05 -6.49
C TRP A 207 35.58 5.97 -7.14
N LEU A 208 34.97 4.79 -7.15
CA LEU A 208 33.64 4.63 -7.71
C LEU A 208 32.61 5.40 -6.89
N THR A 209 31.67 6.02 -7.59
CA THR A 209 30.46 6.63 -7.04
C THR A 209 30.74 7.70 -5.98
N ARG A 210 31.97 8.23 -5.92
CA ARG A 210 32.32 9.29 -4.99
C ARG A 210 31.95 8.93 -3.56
N SER A 211 32.48 7.79 -3.10
CA SER A 211 32.10 7.24 -1.82
C SER A 211 32.67 8.02 -0.63
N ASP A 212 33.58 8.95 -0.86
CA ASP A 212 34.21 9.72 0.22
C ASP A 212 33.56 11.07 0.42
N ARG A 213 32.43 11.35 -0.23
CA ARG A 213 31.72 12.59 0.01
C ARG A 213 31.13 12.60 1.41
N PHE A 214 30.66 13.76 1.84
CA PHE A 214 30.14 13.95 3.19
C PHE A 214 28.72 14.48 3.17
N ASP A 215 27.90 14.00 4.10
CA ASP A 215 26.59 14.56 4.36
C ASP A 215 26.40 14.67 5.87
N ARG A 216 25.79 15.78 6.31
CA ARG A 216 25.48 15.93 7.73
C ARG A 216 24.56 14.81 8.20
N GLN A 217 23.52 14.53 7.42
CA GLN A 217 22.56 13.50 7.82
C GLN A 217 23.23 12.14 7.94
N LYS A 218 23.96 11.74 6.91
CA LYS A 218 24.63 10.44 6.95
C LYS A 218 25.66 10.41 8.06
N PHE A 219 26.34 11.53 8.30
CA PHE A 219 27.23 11.62 9.44
C PHE A 219 26.51 11.26 10.73
N ALA A 220 25.38 11.92 10.98
CA ALA A 220 24.63 11.66 12.19
C ALA A 220 24.19 10.21 12.26
N GLN A 221 23.78 9.66 11.11
CA GLN A 221 23.34 8.27 11.08
C GLN A 221 24.44 7.34 11.55
N ASP A 222 25.63 7.50 10.97
CA ASP A 222 26.77 6.70 11.42
C ASP A 222 27.07 6.96 12.88
N MET A 223 26.83 8.18 13.35
CA MET A 223 27.08 8.49 14.75
C MET A 223 26.21 7.63 15.65
N GLU A 224 24.89 7.64 15.40
CA GLU A 224 24.05 6.83 16.29
C GLU A 224 24.35 5.35 16.10
N LYS A 225 24.68 4.95 14.88
CA LYS A 225 25.02 3.55 14.63
C LYS A 225 26.18 3.10 15.52
N VAL A 226 27.27 3.86 15.51
CA VAL A 226 28.44 3.45 16.24
C VAL A 226 28.20 3.57 17.74
N THR A 227 27.47 4.59 18.17
CA THR A 227 27.17 4.70 19.59
C THR A 227 26.36 3.51 20.08
N ASP A 228 25.38 3.09 19.29
CA ASP A 228 24.60 1.92 19.63
C ASP A 228 25.48 0.67 19.63
N PHE A 229 26.41 0.60 18.68
CA PHE A 229 27.36 -0.50 18.64
C PHE A 229 28.11 -0.61 19.96
N TYR A 230 28.62 0.53 20.44
CA TYR A 230 29.27 0.53 21.75
C TYR A 230 28.31 0.16 22.87
N GLN A 231 27.07 0.63 22.79
CA GLN A 231 26.11 0.31 23.84
C GLN A 231 25.90 -1.18 23.94
N ASN A 232 25.90 -1.88 22.82
CA ASN A 232 25.82 -3.34 22.86
C ASN A 232 27.12 -3.95 23.39
N ASN A 233 28.22 -3.21 23.31
CA ASN A 233 29.50 -3.73 23.77
C ASN A 233 29.65 -3.68 25.28
N GLY A 234 28.60 -3.36 26.02
CA GLY A 234 28.62 -3.42 27.47
C GLY A 234 28.99 -2.15 28.18
N TYR A 235 29.30 -1.09 27.45
CA TYR A 235 29.73 0.18 28.05
C TYR A 235 28.52 1.09 28.20
N PHE A 236 28.21 1.43 29.45
CA PHE A 236 26.92 2.05 29.76
C PHE A 236 26.91 3.52 29.37
N ASP A 237 25.91 3.89 28.57
CA ASP A 237 25.56 5.28 28.25
C ASP A 237 26.57 5.96 27.34
N PHE A 238 27.72 5.34 27.13
CA PHE A 238 28.68 5.71 26.10
C PHE A 238 28.74 7.22 25.86
N ARG A 239 29.08 7.94 26.92
CA ARG A 239 29.00 9.39 26.92
C ARG A 239 29.82 9.99 25.80
N ILE A 240 29.15 10.57 24.80
CA ILE A 240 29.86 11.23 23.71
C ILE A 240 30.26 12.61 24.18
N LEU A 241 31.56 12.90 24.12
CA LEU A 241 32.03 14.19 24.61
C LEU A 241 31.71 15.30 23.61
N ASP A 242 32.27 15.23 22.41
CA ASP A 242 31.99 16.22 21.38
C ASP A 242 32.66 15.82 20.08
N THR A 243 32.09 16.31 18.99
CA THR A 243 32.65 16.14 17.65
C THR A 243 33.10 17.49 17.09
N ASP A 244 34.03 17.43 16.15
CA ASP A 244 34.47 18.63 15.46
C ASP A 244 34.93 18.28 14.06
N ILE A 245 34.64 19.18 13.13
CA ILE A 245 35.04 19.06 11.73
C ILE A 245 35.98 20.21 11.41
N GLN A 246 37.13 19.89 10.80
CA GLN A 246 38.14 20.88 10.48
C GLN A 246 38.47 20.83 9.01
N THR A 247 38.55 22.00 8.38
CA THR A 247 38.76 22.08 6.95
C THR A 247 40.25 22.06 6.62
N ASN A 248 40.57 22.37 5.37
CA ASN A 248 41.95 22.41 4.90
C ASN A 248 42.16 23.64 4.02
N GLU A 249 43.27 23.67 3.30
CA GLU A 249 43.50 24.69 2.30
C GLU A 249 42.37 24.70 1.28
N ASP A 250 42.00 25.90 0.84
CA ASP A 250 40.98 26.10 -0.20
C ASP A 250 39.61 25.59 0.22
N LYS A 251 39.44 25.22 1.49
CA LYS A 251 38.19 24.65 1.97
C LYS A 251 37.76 23.46 1.13
N THR A 252 38.72 22.58 0.84
CA THR A 252 38.50 21.44 -0.04
C THR A 252 38.40 20.12 0.72
N ARG A 253 39.39 19.82 1.54
CA ARG A 253 39.46 18.54 2.25
C ARG A 253 39.12 18.73 3.72
N GLN A 254 38.45 17.75 4.29
CA GLN A 254 37.90 17.85 5.63
C GLN A 254 38.41 16.71 6.50
N THR A 255 38.42 16.95 7.81
CA THR A 255 38.83 15.96 8.79
C THR A 255 37.86 15.97 9.95
N ILE A 256 37.56 14.78 10.47
CA ILE A 256 36.56 14.60 11.52
C ILE A 256 37.24 14.05 12.76
N LYS A 257 36.91 14.61 13.92
CA LYS A 257 37.44 14.12 15.18
C LYS A 257 36.36 14.22 16.24
N ILE A 258 35.93 13.08 16.76
CA ILE A 258 34.97 13.05 17.85
C ILE A 258 35.58 12.29 19.02
N THR A 259 35.43 12.84 20.21
CA THR A 259 35.82 12.19 21.44
C THR A 259 34.58 11.87 22.25
N VAL A 260 34.63 10.75 22.95
CA VAL A 260 33.50 10.21 23.69
C VAL A 260 34.00 9.73 25.05
N HIS A 261 33.10 9.12 25.82
CA HIS A 261 33.46 8.53 27.10
C HIS A 261 32.59 7.29 27.31
N GLU A 262 33.24 6.13 27.39
CA GLU A 262 32.54 4.87 27.53
C GLU A 262 32.16 4.63 28.98
N GLY A 263 31.29 3.64 29.19
CA GLY A 263 30.87 3.29 30.53
C GLY A 263 31.66 2.19 31.20
N GLY A 264 32.44 1.42 30.45
CA GLY A 264 33.12 0.26 31.01
C GLY A 264 32.27 -0.98 30.97
N ARG A 265 32.90 -2.13 31.22
CA ARG A 265 32.18 -3.39 31.20
C ARG A 265 31.27 -3.49 32.43
N PHE A 266 30.20 -4.26 32.31
CA PHE A 266 29.17 -4.32 33.34
C PHE A 266 28.53 -5.69 33.35
N ARG A 267 27.36 -5.79 33.98
CA ARG A 267 26.54 -7.00 33.97
C ARG A 267 25.14 -6.65 34.40
N TRP A 268 24.14 -7.03 33.59
CA TRP A 268 22.73 -6.83 33.92
C TRP A 268 22.06 -8.19 34.03
N GLY A 269 21.44 -8.45 35.16
CA GLY A 269 20.67 -9.67 35.30
C GLY A 269 19.42 -9.54 36.14
N LYS A 270 19.07 -8.34 36.59
CA LYS A 270 17.98 -8.16 37.55
C LYS A 270 17.12 -6.95 37.21
N VAL A 271 16.70 -6.83 35.95
CA VAL A 271 15.77 -5.77 35.59
C VAL A 271 14.38 -6.13 36.09
N SER A 272 13.69 -5.14 36.65
CA SER A 272 12.39 -5.37 37.29
C SER A 272 11.35 -4.40 36.72
N ILE A 273 10.09 -4.80 36.86
CA ILE A 273 8.97 -4.04 36.34
C ILE A 273 7.96 -3.81 37.47
N GLU A 274 7.13 -2.78 37.28
CA GLU A 274 6.20 -2.36 38.32
C GLU A 274 5.11 -1.51 37.70
N GLY A 275 4.03 -1.34 38.44
CA GLY A 275 2.89 -0.56 38.02
C GLY A 275 1.61 -1.33 38.24
N ASP A 276 0.55 -0.90 37.56
CA ASP A 276 -0.72 -1.60 37.56
C ASP A 276 -0.93 -2.31 36.23
N THR A 277 -1.71 -3.39 36.29
CA THR A 277 -2.00 -4.19 35.11
C THR A 277 -3.48 -4.26 34.76
N ASN A 278 -4.36 -3.98 35.72
CA ASN A 278 -5.81 -4.14 35.53
C ASN A 278 -6.04 -5.59 35.11
N GLU A 279 -6.68 -5.86 33.99
CA GLU A 279 -6.93 -7.25 33.59
C GLU A 279 -5.63 -7.97 33.28
N VAL A 280 -4.58 -7.23 32.98
CA VAL A 280 -3.34 -7.87 32.51
C VAL A 280 -2.77 -8.74 33.62
N PRO A 281 -2.25 -9.91 33.31
CA PRO A 281 -1.60 -10.72 34.35
C PRO A 281 -0.14 -10.37 34.51
N LYS A 282 0.28 -10.10 35.75
CA LYS A 282 1.70 -9.86 36.01
C LYS A 282 2.51 -11.11 35.74
N ALA A 283 1.91 -12.29 35.89
CA ALA A 283 2.63 -13.53 35.57
C ALA A 283 2.98 -13.59 34.09
N GLU A 284 2.04 -13.24 33.23
CA GLU A 284 2.34 -13.15 31.80
C GLU A 284 3.44 -12.14 31.55
N LEU A 285 3.44 -11.05 32.30
CA LEU A 285 4.49 -10.05 32.19
C LEU A 285 5.84 -10.66 32.50
N GLU A 286 5.92 -11.41 33.60
CA GLU A 286 7.16 -12.07 33.96
C GLU A 286 7.59 -13.05 32.88
N LYS A 287 6.62 -13.77 32.31
CA LYS A 287 6.93 -14.74 31.27
C LYS A 287 7.52 -14.05 30.04
N LEU A 288 6.96 -12.92 29.64
CA LEU A 288 7.44 -12.24 28.46
C LEU A 288 8.76 -11.50 28.70
N LEU A 289 9.18 -11.36 29.95
CA LEU A 289 10.43 -10.67 30.24
C LEU A 289 11.62 -11.53 29.84
N THR A 290 12.20 -11.26 28.66
CA THR A 290 13.32 -12.05 28.16
C THR A 290 14.61 -11.27 28.37
N MET A 291 15.08 -11.29 29.61
CA MET A 291 16.36 -10.70 29.97
C MET A 291 17.11 -11.64 30.88
N LYS A 292 18.42 -11.75 30.68
CA LYS A 292 19.25 -12.65 31.45
C LYS A 292 20.58 -11.97 31.76
N PRO A 293 21.30 -12.44 32.78
CA PRO A 293 22.64 -11.90 33.04
C PRO A 293 23.62 -12.14 31.91
N GLY A 294 23.38 -13.12 31.05
CA GLY A 294 24.32 -13.41 29.98
C GLY A 294 24.53 -12.23 29.06
N LYS A 295 25.75 -12.12 28.54
CA LYS A 295 26.19 -11.08 27.61
C LYS A 295 26.21 -9.72 28.29
N TRP A 296 25.69 -9.66 29.52
CA TRP A 296 25.82 -8.55 30.45
C TRP A 296 24.97 -7.36 30.02
N TYR A 297 24.45 -7.40 28.79
CA TYR A 297 23.60 -6.36 28.23
C TYR A 297 23.27 -6.70 26.79
N GLU A 298 22.21 -6.05 26.27
CA GLU A 298 22.05 -5.86 24.84
C GLU A 298 21.08 -4.70 24.64
N ARG A 299 21.51 -3.67 23.93
CA ARG A 299 20.68 -2.49 23.75
C ARG A 299 19.45 -2.81 22.92
N GLN A 300 19.63 -3.44 21.76
CA GLN A 300 18.48 -3.74 20.92
C GLN A 300 17.56 -4.77 21.53
N GLN A 301 18.09 -5.69 22.34
CA GLN A 301 17.21 -6.58 23.08
C GLN A 301 16.32 -5.80 24.02
N MET A 302 16.88 -4.80 24.69
CA MET A 302 16.10 -3.92 25.55
C MET A 302 15.04 -3.16 24.74
N THR A 303 15.42 -2.65 23.58
CA THR A 303 14.44 -1.98 22.72
C THR A 303 13.33 -2.94 22.32
N ALA A 304 13.69 -4.18 21.98
CA ALA A 304 12.71 -5.15 21.54
C ALA A 304 11.77 -5.53 22.65
N VAL A 305 12.29 -5.71 23.87
CA VAL A 305 11.40 -6.03 24.97
C VAL A 305 10.49 -4.87 25.27
N LEU A 306 10.99 -3.64 25.10
CA LEU A 306 10.11 -2.49 25.25
C LEU A 306 9.00 -2.53 24.20
N GLY A 307 9.34 -2.87 22.96
CA GLY A 307 8.32 -2.97 21.93
C GLY A 307 7.30 -4.04 22.24
N GLU A 308 7.76 -5.18 22.74
CA GLU A 308 6.85 -6.26 23.10
C GLU A 308 5.92 -5.83 24.21
N ILE A 309 6.46 -5.25 25.28
CA ILE A 309 5.60 -4.87 26.40
C ILE A 309 4.63 -3.79 25.96
N GLN A 310 5.07 -2.86 25.11
CA GLN A 310 4.18 -1.78 24.72
C GLN A 310 3.06 -2.29 23.82
N ASN A 311 3.37 -3.19 22.88
CA ASN A 311 2.31 -3.69 22.03
C ASN A 311 1.36 -4.57 22.83
N ARG A 312 1.88 -5.25 23.85
CA ARG A 312 0.97 -5.92 24.78
C ARG A 312 0.08 -4.90 25.48
N MET A 313 0.66 -3.78 25.88
CA MET A 313 -0.05 -2.76 26.63
C MET A 313 -0.77 -1.87 25.63
N GLY A 314 -1.91 -2.36 25.17
CA GLY A 314 -2.61 -1.74 24.06
C GLY A 314 -3.21 -2.83 23.20
N SER A 315 -2.60 -4.01 23.20
CA SER A 315 -3.31 -5.18 22.71
C SER A 315 -4.60 -5.37 23.48
N ALA A 316 -4.62 -4.94 24.74
CA ALA A 316 -5.84 -4.90 25.52
C ALA A 316 -6.65 -3.63 25.28
N GLY A 317 -6.10 -2.64 24.58
CA GLY A 317 -6.84 -1.43 24.31
C GLY A 317 -6.44 -0.23 25.15
N TYR A 318 -5.13 -0.01 25.29
CA TYR A 318 -4.60 1.14 26.02
C TYR A 318 -3.45 1.73 25.20
N ALA A 319 -3.79 2.63 24.27
CA ALA A 319 -2.77 3.21 23.40
C ALA A 319 -1.93 4.25 24.10
N TYR A 320 -2.33 4.71 25.28
CA TYR A 320 -1.64 5.79 25.96
C TYR A 320 -1.02 5.35 27.29
N SER A 321 -1.05 4.06 27.60
CA SER A 321 -0.29 3.56 28.74
C SER A 321 1.19 3.77 28.48
N GLU A 322 1.89 4.35 29.45
CA GLU A 322 3.25 4.81 29.23
C GLU A 322 4.22 4.17 30.23
N ILE A 323 5.40 3.82 29.74
CA ILE A 323 6.44 3.22 30.55
C ILE A 323 7.47 4.27 30.91
N SER A 324 8.01 4.17 32.11
CA SER A 324 9.08 5.02 32.58
C SER A 324 10.28 4.15 32.94
N VAL A 325 11.45 4.58 32.48
CA VAL A 325 12.71 3.89 32.73
C VAL A 325 13.53 4.73 33.69
N GLN A 326 14.35 4.06 34.49
CA GLN A 326 15.32 4.78 35.28
C GLN A 326 16.42 3.85 35.78
N PRO A 327 17.68 4.21 35.54
CA PRO A 327 18.80 3.41 36.04
C PRO A 327 19.10 3.70 37.50
N LEU A 328 19.54 2.66 38.20
CA LEU A 328 19.93 2.74 39.61
C LEU A 328 21.35 2.20 39.68
N PRO A 329 22.35 3.07 39.67
CA PRO A 329 23.73 2.62 39.50
C PRO A 329 24.27 1.92 40.75
N ASN A 330 25.24 1.04 40.51
CA ASN A 330 26.01 0.44 41.60
C ASN A 330 27.34 -0.02 41.00
N ALA A 331 28.39 0.75 41.26
CA ALA A 331 29.73 0.42 40.79
C ALA A 331 30.31 -0.71 41.64
N GLY A 332 31.57 -1.05 41.37
CA GLY A 332 32.20 -2.14 42.09
C GLY A 332 31.65 -3.47 41.65
N THR A 333 30.39 -3.74 42.00
CA THR A 333 29.69 -4.87 41.40
C THR A 333 29.34 -4.60 39.94
N LYS A 334 29.40 -3.34 39.53
CA LYS A 334 29.25 -2.95 38.13
C LYS A 334 27.90 -3.41 37.57
N THR A 335 26.84 -3.11 38.31
CA THR A 335 25.48 -3.35 37.84
C THR A 335 24.62 -2.14 38.12
N VAL A 336 23.71 -1.86 37.19
CA VAL A 336 22.78 -0.73 37.32
C VAL A 336 21.39 -1.30 37.09
N ASP A 337 20.60 -1.35 38.16
CA ASP A 337 19.27 -1.94 38.04
C ASP A 337 18.35 -1.04 37.24
N PHE A 338 17.38 -1.65 36.58
CA PHE A 338 16.41 -0.95 35.75
C PHE A 338 15.01 -1.29 36.24
N VAL A 339 14.32 -0.30 36.78
CA VAL A 339 12.93 -0.45 37.20
C VAL A 339 12.05 0.20 36.16
N LEU A 340 11.07 -0.55 35.69
CA LEU A 340 10.21 -0.15 34.58
C LEU A 340 8.82 0.08 35.12
N HIS A 341 8.44 1.35 35.28
CA HIS A 341 7.16 1.69 35.91
C HIS A 341 6.14 2.02 34.82
N ILE A 342 5.07 1.23 34.77
CA ILE A 342 4.06 1.36 33.73
C ILE A 342 2.84 2.06 34.31
N GLU A 343 2.26 2.97 33.52
CA GLU A 343 0.96 3.54 33.85
C GLU A 343 -0.05 3.09 32.79
N PRO A 344 -1.05 2.29 33.16
CA PRO A 344 -2.19 2.11 32.27
C PRO A 344 -3.31 3.06 32.63
N GLY A 345 -4.17 3.40 31.67
CA GLY A 345 -5.30 4.25 31.97
C GLY A 345 -6.04 4.63 30.71
N ARG A 346 -7.32 4.96 30.89
CA ARG A 346 -8.19 5.42 29.82
C ARG A 346 -8.33 4.35 28.72
N LYS A 347 -9.01 3.28 29.09
CA LYS A 347 -9.38 2.26 28.11
C LYS A 347 -10.05 2.92 26.90
N ILE A 348 -9.59 2.55 25.71
CA ILE A 348 -9.93 3.27 24.49
C ILE A 348 -10.69 2.35 23.55
N TYR A 349 -11.78 2.87 22.99
CA TYR A 349 -12.48 2.24 21.89
C TYR A 349 -12.46 3.18 20.70
N VAL A 350 -13.13 2.77 19.63
CA VAL A 350 -13.17 3.54 18.39
C VAL A 350 -14.60 4.00 18.16
N ASN A 351 -14.74 5.27 17.79
CA ASN A 351 -16.02 5.94 17.63
C ASN A 351 -16.56 5.82 16.21
N GLU A 352 -15.69 5.97 15.22
CA GLU A 352 -16.09 5.88 13.81
C GLU A 352 -14.86 5.56 12.99
N ILE A 353 -15.08 4.93 11.83
CA ILE A 353 -14.01 4.64 10.89
C ILE A 353 -14.30 5.41 9.61
N HIS A 354 -13.34 6.22 9.19
CA HIS A 354 -13.40 6.88 7.90
C HIS A 354 -12.41 6.20 6.97
N ILE A 355 -12.65 6.34 5.67
CA ILE A 355 -11.85 5.64 4.67
C ILE A 355 -11.47 6.64 3.59
N THR A 356 -10.19 6.68 3.24
CA THR A 356 -9.67 7.55 2.20
C THR A 356 -9.12 6.71 1.07
N GLY A 357 -8.84 7.37 -0.06
CA GLY A 357 -8.35 6.67 -1.23
C GLY A 357 -9.32 5.63 -1.76
N ASN A 358 -10.62 5.91 -1.66
CA ASN A 358 -11.66 4.95 -1.98
C ASN A 358 -12.13 5.02 -3.42
N ASN A 359 -11.53 5.87 -4.24
CA ASN A 359 -12.01 6.05 -5.60
C ASN A 359 -11.75 4.80 -6.43
N LYS A 360 -12.51 4.65 -7.50
CA LYS A 360 -12.40 3.56 -8.46
C LYS A 360 -12.67 2.20 -7.81
N THR A 361 -13.06 2.19 -6.54
CA THR A 361 -13.25 0.94 -5.81
C THR A 361 -14.35 1.13 -4.79
N ARG A 362 -14.82 0.01 -4.25
CA ARG A 362 -15.82 0.05 -3.19
C ARG A 362 -15.15 0.32 -1.84
N ASP A 363 -15.96 0.36 -0.80
CA ASP A 363 -15.49 0.62 0.55
C ASP A 363 -15.54 -0.60 1.45
N GLU A 364 -16.63 -1.36 1.39
CA GLU A 364 -16.71 -2.59 2.14
C GLU A 364 -15.60 -3.55 1.75
N VAL A 365 -15.14 -3.45 0.49
CA VAL A 365 -14.16 -4.40 -0.01
C VAL A 365 -12.92 -4.39 0.87
N VAL A 366 -12.46 -3.20 1.26
CA VAL A 366 -11.35 -3.14 2.19
C VAL A 366 -11.85 -3.35 3.61
N ARG A 367 -13.11 -3.06 3.88
CA ARG A 367 -13.64 -3.36 5.19
C ARG A 367 -13.76 -4.85 5.43
N ARG A 368 -13.77 -5.64 4.35
CA ARG A 368 -13.98 -7.08 4.48
C ARG A 368 -12.96 -7.73 5.40
N GLU A 369 -11.78 -7.14 5.54
CA GLU A 369 -10.61 -7.86 6.02
C GLU A 369 -10.21 -7.52 7.43
N LEU A 370 -10.25 -6.25 7.80
CA LEU A 370 -9.76 -5.84 9.10
C LEU A 370 -10.70 -6.33 10.20
N ARG A 371 -10.19 -6.29 11.42
CA ARG A 371 -11.00 -6.57 12.59
C ARG A 371 -11.44 -5.24 13.18
N GLN A 372 -11.97 -5.29 14.41
CA GLN A 372 -12.36 -4.09 15.15
C GLN A 372 -13.38 -3.27 14.35
N MET A 373 -14.56 -3.88 14.18
CA MET A 373 -15.60 -3.26 13.36
C MET A 373 -15.93 -1.86 13.85
N GLU A 374 -16.10 -1.69 15.17
CA GLU A 374 -16.31 -0.41 15.80
C GLU A 374 -16.45 -0.64 17.29
N SER A 375 -16.26 0.44 18.07
CA SER A 375 -16.42 0.40 19.52
C SER A 375 -15.60 -0.72 20.14
N ALA A 376 -14.48 -1.01 19.53
CA ALA A 376 -13.72 -2.17 19.94
C ALA A 376 -12.49 -1.75 20.73
N PRO A 377 -12.00 -2.61 21.61
CA PRO A 377 -10.73 -2.34 22.29
C PRO A 377 -9.61 -2.18 21.26
N TYR A 378 -9.11 -0.97 21.15
CA TYR A 378 -8.09 -0.66 20.15
C TYR A 378 -6.82 -1.43 20.45
N ASP A 379 -6.54 -2.45 19.64
CA ASP A 379 -5.32 -3.22 19.76
C ASP A 379 -4.54 -3.10 18.46
N THR A 380 -3.24 -2.85 18.59
CA THR A 380 -2.38 -2.96 17.42
C THR A 380 -2.21 -4.41 17.01
N SER A 381 -2.52 -5.35 17.90
CA SER A 381 -2.26 -6.76 17.63
C SER A 381 -2.97 -7.19 16.35
N LYS A 382 -4.27 -6.95 16.27
CA LYS A 382 -4.97 -7.24 15.04
C LYS A 382 -4.86 -6.09 14.03
N LEU A 383 -4.39 -4.93 14.46
CA LEU A 383 -4.27 -3.82 13.53
C LEU A 383 -3.15 -4.06 12.53
N GLN A 384 -2.00 -4.52 13.01
CA GLN A 384 -0.94 -4.90 12.10
C GLN A 384 -1.36 -6.09 11.25
N ARG A 385 -2.21 -6.96 11.79
CA ARG A 385 -2.78 -8.02 10.98
C ARG A 385 -3.58 -7.44 9.83
N SER A 386 -4.34 -6.39 10.11
CA SER A 386 -5.07 -5.69 9.05
C SER A 386 -4.12 -5.08 8.05
N LYS A 387 -3.04 -4.48 8.53
CA LYS A 387 -2.00 -3.95 7.65
C LYS A 387 -1.52 -5.03 6.69
N GLU A 388 -1.14 -6.18 7.24
CA GLU A 388 -0.65 -7.27 6.41
C GLU A 388 -1.73 -7.74 5.45
N ARG A 389 -2.96 -7.85 5.94
CA ARG A 389 -4.06 -8.36 5.13
C ARG A 389 -4.32 -7.44 3.93
N VAL A 390 -4.24 -6.14 4.14
CA VAL A 390 -4.51 -5.23 3.03
C VAL A 390 -3.30 -5.14 2.11
N GLU A 391 -2.09 -5.25 2.64
CA GLU A 391 -0.93 -5.12 1.76
C GLU A 391 -0.79 -6.31 0.84
N LEU A 392 -1.11 -7.52 1.33
CA LEU A 392 -1.04 -8.68 0.46
C LEU A 392 -2.07 -8.62 -0.64
N LEU A 393 -3.12 -7.81 -0.47
CA LEU A 393 -4.02 -7.55 -1.58
C LEU A 393 -3.29 -6.86 -2.73
N GLY A 394 -2.36 -5.98 -2.41
CA GLY A 394 -1.52 -5.36 -3.41
C GLY A 394 -2.20 -4.33 -4.27
N TYR A 395 -3.41 -3.90 -3.90
CA TYR A 395 -4.15 -2.96 -4.72
C TYR A 395 -3.62 -1.54 -4.57
N PHE A 396 -2.78 -1.30 -3.57
CA PHE A 396 -2.27 0.03 -3.30
C PHE A 396 -0.83 -0.10 -2.83
N ASP A 397 0.00 0.86 -3.23
CA ASP A 397 1.40 0.83 -2.83
C ASP A 397 1.62 1.28 -1.39
N ASN A 398 0.80 2.20 -0.90
CA ASN A 398 0.96 2.75 0.44
C ASN A 398 -0.39 2.83 1.12
N VAL A 399 -0.43 2.43 2.39
CA VAL A 399 -1.62 2.57 3.22
C VAL A 399 -1.17 2.94 4.62
N GLN A 400 -1.89 3.90 5.22
CA GLN A 400 -1.56 4.38 6.55
C GLN A 400 -2.81 4.39 7.40
N PHE A 401 -2.64 4.07 8.68
CA PHE A 401 -3.74 3.96 9.63
C PHE A 401 -3.62 5.12 10.60
N ASP A 402 -4.65 5.95 10.68
CA ASP A 402 -4.57 7.23 11.36
C ASP A 402 -5.58 7.29 12.51
N ALA A 403 -5.09 7.59 13.70
CA ALA A 403 -5.90 7.63 14.91
C ALA A 403 -6.06 9.08 15.36
N VAL A 404 -7.31 9.51 15.55
CA VAL A 404 -7.56 10.87 16.01
C VAL A 404 -8.83 10.92 16.85
N PRO A 405 -8.76 11.49 18.05
CA PRO A 405 -9.98 11.64 18.85
C PRO A 405 -10.79 12.85 18.43
N LEU A 406 -11.82 13.19 19.20
CA LEU A 406 -12.66 14.34 18.92
C LEU A 406 -12.93 15.11 20.21
N ALA A 407 -13.88 16.05 20.16
CA ALA A 407 -14.23 16.80 21.36
C ALA A 407 -14.69 15.87 22.47
N GLY A 408 -15.51 14.89 22.15
CA GLY A 408 -15.86 13.87 23.12
C GLY A 408 -14.69 12.94 23.31
N THR A 409 -13.65 13.41 23.98
CA THR A 409 -12.38 12.70 23.99
C THR A 409 -12.46 11.27 24.51
N PRO A 410 -13.08 10.98 25.66
CA PRO A 410 -12.81 9.70 26.32
C PRO A 410 -13.26 8.50 25.50
N ASP A 411 -12.43 7.47 25.49
CA ASP A 411 -12.75 6.13 25.02
C ASP A 411 -13.12 6.07 23.54
N LYS A 412 -12.91 7.12 22.77
CA LYS A 412 -13.40 7.13 21.40
C LYS A 412 -12.48 7.99 20.54
N VAL A 413 -11.99 7.39 19.46
CA VAL A 413 -10.97 7.97 18.60
C VAL A 413 -11.22 7.50 17.18
N ASP A 414 -11.10 8.40 16.22
CA ASP A 414 -11.24 8.02 14.81
C ASP A 414 -10.01 7.27 14.34
N LEU A 415 -10.24 6.21 13.58
CA LEU A 415 -9.17 5.41 13.01
C LEU A 415 -9.25 5.36 11.48
N ASN A 416 -9.45 6.51 10.85
CA ASN A 416 -9.43 6.56 9.39
C ASN A 416 -8.08 6.11 8.85
N MET A 417 -8.12 5.41 7.72
CA MET A 417 -6.93 4.84 7.11
C MET A 417 -6.73 5.39 5.71
N SER A 418 -5.52 5.22 5.20
CA SER A 418 -5.13 5.77 3.91
C SER A 418 -5.10 4.68 2.85
N LEU A 419 -5.35 5.07 1.61
CA LEU A 419 -5.24 4.19 0.45
C LEU A 419 -4.51 4.94 -0.66
N THR A 420 -3.78 4.19 -1.49
CA THR A 420 -3.03 4.77 -2.60
C THR A 420 -3.38 4.01 -3.88
N GLU A 421 -4.40 4.50 -4.59
CA GLU A 421 -4.86 3.82 -5.79
C GLU A 421 -3.74 3.67 -6.80
N ARG A 422 -3.60 2.46 -7.32
CA ARG A 422 -2.51 2.09 -8.21
C ARG A 422 -3.09 1.55 -9.50
N SER A 423 -2.44 1.86 -10.61
CA SER A 423 -2.92 1.41 -11.91
C SER A 423 -2.87 -0.11 -12.01
N THR A 424 -3.98 -0.72 -12.41
CA THR A 424 -4.04 -2.16 -12.58
C THR A 424 -4.74 -2.61 -13.87
N GLY A 425 -5.59 -1.78 -14.46
CA GLY A 425 -6.32 -2.18 -15.65
C GLY A 425 -5.57 -1.88 -16.92
N SER A 426 -4.90 -2.90 -17.48
CA SER A 426 -4.12 -2.73 -18.69
C SER A 426 -4.09 -4.07 -19.43
N LEU A 427 -3.21 -4.17 -20.42
CA LEU A 427 -3.11 -5.35 -21.27
C LEU A 427 -1.81 -6.09 -20.95
N ASP A 428 -1.90 -7.41 -20.89
CA ASP A 428 -0.73 -8.25 -20.59
C ASP A 428 -0.05 -8.71 -21.87
N LEU A 429 0.34 -7.75 -22.70
CA LEU A 429 1.06 -8.05 -23.93
C LEU A 429 2.56 -7.97 -23.62
N SER A 430 3.13 -9.11 -23.26
CA SER A 430 4.54 -9.17 -22.86
C SER A 430 5.22 -10.33 -23.57
N ALA A 431 6.38 -10.05 -24.14
CA ALA A 431 7.12 -11.05 -24.88
C ALA A 431 8.35 -11.48 -24.08
N GLY A 432 8.92 -12.62 -24.48
CA GLY A 432 10.13 -13.12 -23.89
C GLY A 432 10.82 -14.05 -24.86
N TRP A 433 12.01 -14.49 -24.49
CA TRP A 433 12.80 -15.40 -25.31
C TRP A 433 13.22 -16.59 -24.46
N VAL A 434 13.14 -17.77 -25.03
CA VAL A 434 13.59 -18.98 -24.36
C VAL A 434 14.73 -19.58 -25.18
N GLN A 435 15.64 -20.27 -24.49
CA GLN A 435 16.85 -20.77 -25.14
C GLN A 435 16.53 -21.76 -26.23
N ASP A 436 15.62 -22.69 -25.96
CA ASP A 436 15.37 -23.81 -26.88
C ASP A 436 14.37 -23.44 -27.97
N THR A 437 13.15 -23.06 -27.59
CA THR A 437 12.14 -22.75 -28.60
C THR A 437 12.42 -21.41 -29.27
N GLY A 438 12.80 -20.40 -28.50
CA GLY A 438 13.03 -19.09 -29.03
C GLY A 438 12.10 -18.05 -28.45
N LEU A 439 11.33 -17.40 -29.32
CA LEU A 439 10.43 -16.34 -28.90
C LEU A 439 9.18 -16.90 -28.25
N VAL A 440 8.53 -16.07 -27.43
CA VAL A 440 7.26 -16.39 -26.81
C VAL A 440 6.55 -15.08 -26.52
N MET A 441 5.23 -15.08 -26.66
CA MET A 441 4.45 -13.89 -26.44
C MET A 441 3.30 -14.18 -25.48
N SER A 442 2.84 -13.13 -24.82
CA SER A 442 1.74 -13.17 -23.87
C SER A 442 0.79 -12.02 -24.15
N ALA A 443 -0.50 -12.28 -23.96
CA ALA A 443 -1.53 -11.33 -24.32
C ALA A 443 -2.70 -11.48 -23.35
N GLY A 444 -3.64 -10.55 -23.47
CA GLY A 444 -4.83 -10.56 -22.62
C GLY A 444 -4.89 -9.35 -21.72
N VAL A 445 -6.08 -8.78 -21.57
CA VAL A 445 -6.24 -7.62 -20.70
C VAL A 445 -6.07 -8.05 -19.26
N SER A 446 -5.28 -7.29 -18.51
CA SER A 446 -5.11 -7.53 -17.10
C SER A 446 -6.19 -6.79 -16.34
N GLN A 447 -7.05 -7.54 -15.65
CA GLN A 447 -8.14 -6.92 -14.91
C GLN A 447 -8.44 -7.73 -13.67
N ASP A 448 -8.62 -7.04 -12.55
CA ASP A 448 -8.98 -7.66 -11.28
C ASP A 448 -10.10 -6.93 -10.58
N ASN A 449 -10.61 -5.83 -11.14
CA ASN A 449 -11.51 -4.93 -10.43
C ASN A 449 -12.38 -4.25 -11.47
N LEU A 450 -13.66 -4.63 -11.54
CA LEU A 450 -14.50 -3.98 -12.52
C LEU A 450 -14.85 -2.60 -11.99
N PHE A 451 -13.82 -1.73 -11.93
CA PHE A 451 -13.99 -0.31 -11.60
C PHE A 451 -14.84 -0.14 -10.34
N GLY A 452 -14.52 -0.91 -9.31
CA GLY A 452 -15.34 -0.98 -8.12
C GLY A 452 -14.90 -2.12 -7.24
N THR A 453 -15.84 -3.00 -6.89
CA THR A 453 -15.49 -4.19 -6.14
C THR A 453 -14.52 -5.07 -6.94
N GLY A 454 -13.96 -6.05 -6.25
CA GLY A 454 -12.97 -6.90 -6.87
C GLY A 454 -13.45 -7.58 -8.13
N LYS A 455 -14.33 -8.57 -7.99
CA LYS A 455 -14.84 -9.36 -9.10
C LYS A 455 -13.75 -9.59 -10.15
N SER A 456 -12.63 -10.13 -9.68
CA SER A 456 -11.41 -10.20 -10.47
C SER A 456 -11.59 -11.14 -11.65
N ALA A 457 -11.57 -10.59 -12.87
CA ALA A 457 -11.68 -11.37 -14.08
C ALA A 457 -10.77 -10.76 -15.13
N ALA A 458 -10.09 -11.62 -15.89
CA ALA A 458 -9.13 -11.13 -16.88
C ALA A 458 -8.93 -12.19 -17.95
N LEU A 459 -8.16 -11.80 -18.97
CA LEU A 459 -7.75 -12.68 -20.06
C LEU A 459 -6.25 -12.84 -20.03
N ARG A 460 -5.78 -14.07 -20.20
CA ARG A 460 -4.35 -14.37 -20.20
C ARG A 460 -4.09 -15.47 -21.22
N ALA A 461 -3.17 -15.22 -22.13
CA ALA A 461 -2.84 -16.22 -23.12
C ALA A 461 -1.37 -16.10 -23.46
N SER A 462 -0.79 -17.21 -23.91
CA SER A 462 0.60 -17.24 -24.33
C SER A 462 0.71 -18.06 -25.60
N ARG A 463 1.79 -17.83 -26.33
CA ARG A 463 2.01 -18.50 -27.60
C ARG A 463 3.50 -18.55 -27.88
N SER A 464 3.93 -19.67 -28.46
CA SER A 464 5.32 -19.84 -28.86
C SER A 464 5.33 -20.78 -30.05
N LYS A 465 6.53 -21.02 -30.60
CA LYS A 465 6.65 -21.95 -31.71
C LYS A 465 6.40 -23.39 -31.27
N THR A 466 6.32 -23.64 -29.97
CA THR A 466 6.05 -24.99 -29.47
C THR A 466 4.78 -25.10 -28.65
N THR A 467 4.11 -23.99 -28.31
CA THR A 467 2.93 -24.09 -27.49
C THR A 467 2.05 -22.86 -27.66
N LEU A 468 0.81 -23.01 -27.22
CA LEU A 468 -0.17 -21.94 -27.16
C LEU A 468 -1.17 -22.29 -26.08
N ASN A 469 -1.73 -21.27 -25.44
CA ASN A 469 -2.66 -21.48 -24.35
C ASN A 469 -3.41 -20.19 -24.07
N GLY A 470 -4.72 -20.20 -24.32
CA GLY A 470 -5.59 -19.12 -23.94
C GLY A 470 -6.28 -19.45 -22.64
N SER A 471 -6.72 -18.41 -21.93
CA SER A 471 -7.32 -18.61 -20.62
C SER A 471 -8.08 -17.36 -20.24
N LEU A 472 -9.25 -17.55 -19.64
CA LEU A 472 -9.99 -16.46 -19.03
C LEU A 472 -10.23 -16.82 -17.57
N SER A 473 -10.05 -15.85 -16.69
CA SER A 473 -10.25 -16.04 -15.27
C SER A 473 -11.39 -15.15 -14.80
N PHE A 474 -12.11 -15.63 -13.79
CA PHE A 474 -13.28 -14.94 -13.26
C PHE A 474 -13.45 -15.40 -11.82
N THR A 475 -13.53 -14.47 -10.88
CA THR A 475 -13.67 -14.90 -9.49
C THR A 475 -14.15 -13.77 -8.61
N ASP A 476 -14.82 -14.15 -7.53
CA ASP A 476 -15.01 -13.31 -6.37
C ASP A 476 -14.24 -13.90 -5.19
N PRO A 477 -13.37 -13.14 -4.55
CA PRO A 477 -12.65 -13.68 -3.40
C PRO A 477 -13.55 -13.97 -2.21
N TYR A 478 -14.74 -13.38 -2.16
CA TYR A 478 -15.59 -13.44 -0.97
C TYR A 478 -16.99 -13.85 -1.42
N PHE A 479 -17.25 -15.15 -1.50
CA PHE A 479 -18.62 -15.56 -1.77
C PHE A 479 -19.50 -15.45 -0.54
N THR A 480 -18.89 -15.40 0.64
CA THR A 480 -19.63 -15.41 1.90
C THR A 480 -19.23 -14.22 2.76
N ALA A 481 -19.84 -14.15 3.95
CA ALA A 481 -19.56 -13.06 4.87
C ALA A 481 -18.10 -13.07 5.30
N ASP A 482 -17.64 -14.21 5.80
CA ASP A 482 -16.20 -14.37 5.97
C ASP A 482 -15.50 -14.30 4.62
N GLY A 483 -16.10 -14.89 3.60
CA GLY A 483 -15.59 -14.75 2.26
C GLY A 483 -15.01 -16.03 1.71
N VAL A 484 -15.58 -16.53 0.63
CA VAL A 484 -15.06 -17.69 -0.07
C VAL A 484 -14.79 -17.28 -1.51
N SER A 485 -13.61 -17.65 -2.02
CA SER A 485 -13.25 -17.26 -3.38
C SER A 485 -13.80 -18.32 -4.32
N LEU A 486 -14.73 -17.92 -5.16
CA LEU A 486 -15.26 -18.78 -6.21
C LEU A 486 -14.94 -18.20 -7.57
N GLY A 487 -14.52 -19.06 -8.49
CA GLY A 487 -14.17 -18.57 -9.81
C GLY A 487 -14.30 -19.63 -10.87
N TYR A 488 -14.53 -19.17 -12.09
CA TYR A 488 -14.35 -19.95 -13.31
C TYR A 488 -12.99 -19.63 -13.90
N ASP A 489 -12.40 -20.63 -14.55
CA ASP A 489 -11.16 -20.39 -15.27
C ASP A 489 -11.02 -21.40 -16.40
N ILE A 490 -10.67 -20.89 -17.58
CA ILE A 490 -10.58 -21.71 -18.78
C ILE A 490 -9.12 -21.83 -19.17
N TYR A 491 -8.84 -22.84 -20.00
CA TYR A 491 -7.49 -23.07 -20.50
C TYR A 491 -7.59 -23.82 -21.83
N GLY A 492 -6.58 -23.62 -22.67
CA GLY A 492 -6.51 -24.32 -23.95
C GLY A 492 -5.10 -24.73 -24.31
N LYS A 493 -4.28 -25.05 -23.32
CA LYS A 493 -2.85 -25.25 -23.56
C LYS A 493 -2.60 -26.49 -24.41
N ALA A 494 -1.80 -26.33 -25.45
CA ALA A 494 -1.37 -27.42 -26.29
C ALA A 494 0.14 -27.43 -26.37
N PHE A 495 0.73 -28.62 -26.34
CA PHE A 495 2.18 -28.78 -26.32
C PHE A 495 2.65 -29.42 -27.62
N ASP A 496 3.70 -28.84 -28.21
CA ASP A 496 4.28 -29.31 -29.46
C ASP A 496 5.77 -29.55 -29.22
N PRO A 497 6.11 -30.68 -28.60
CA PRO A 497 7.53 -30.97 -28.33
C PRO A 497 8.38 -31.06 -29.59
N ARG A 498 7.82 -31.43 -30.73
CA ARG A 498 8.60 -31.51 -31.95
C ARG A 498 9.10 -30.12 -32.35
N LYS A 499 10.40 -30.00 -32.53
CA LYS A 499 11.02 -28.72 -32.80
C LYS A 499 12.28 -28.97 -33.62
N ALA A 500 13.19 -27.99 -33.61
CA ALA A 500 14.45 -28.11 -34.33
C ALA A 500 15.35 -29.12 -33.62
N SER A 501 16.60 -29.19 -34.06
CA SER A 501 17.54 -30.23 -33.66
C SER A 501 17.49 -30.55 -32.17
N THR A 502 17.43 -29.53 -31.32
CA THR A 502 17.36 -29.73 -29.86
C THR A 502 15.94 -30.14 -29.47
N SER A 503 15.51 -31.27 -30.01
CA SER A 503 14.14 -31.75 -29.85
C SER A 503 14.09 -32.85 -28.80
N VAL A 504 13.15 -32.72 -27.87
CA VAL A 504 12.78 -33.84 -27.01
C VAL A 504 11.82 -34.69 -27.83
N LYS A 505 11.48 -35.88 -27.32
CA LYS A 505 10.60 -36.81 -28.01
C LYS A 505 9.43 -36.10 -28.67
N GLN A 506 9.28 -36.32 -29.97
CA GLN A 506 8.40 -35.51 -30.81
C GLN A 506 6.99 -36.08 -30.82
N TYR A 507 6.02 -35.24 -30.47
CA TYR A 507 4.59 -35.57 -30.46
C TYR A 507 3.83 -34.27 -30.29
N LYS A 508 2.54 -34.37 -29.98
CA LYS A 508 1.73 -33.22 -29.62
C LYS A 508 0.83 -33.55 -28.44
N THR A 509 0.36 -32.50 -27.76
CA THR A 509 -0.59 -32.62 -26.66
C THR A 509 -1.74 -31.66 -26.91
N THR A 510 -2.95 -32.13 -26.64
CA THR A 510 -4.18 -31.36 -26.90
C THR A 510 -5.00 -31.29 -25.62
N THR A 511 -4.80 -30.23 -24.85
CA THR A 511 -5.51 -30.05 -23.58
C THR A 511 -6.31 -28.75 -23.63
N ALA A 512 -7.55 -28.82 -23.18
CA ALA A 512 -8.42 -27.66 -23.16
C ALA A 512 -9.55 -27.91 -22.19
N GLY A 513 -10.31 -26.85 -21.90
CA GLY A 513 -11.49 -26.95 -21.07
C GLY A 513 -11.48 -25.93 -19.97
N GLY A 514 -12.50 -26.01 -19.11
CA GLY A 514 -12.69 -25.08 -18.03
C GLY A 514 -12.67 -25.76 -16.68
N GLY A 515 -12.80 -24.94 -15.65
CA GLY A 515 -12.85 -25.45 -14.29
C GLY A 515 -13.36 -24.40 -13.34
N VAL A 516 -13.69 -24.85 -12.14
CA VAL A 516 -14.20 -24.00 -11.08
C VAL A 516 -13.27 -24.12 -9.88
N ARG A 517 -12.84 -22.98 -9.36
CA ARG A 517 -11.96 -22.93 -8.21
C ARG A 517 -12.73 -22.38 -7.01
N MET A 518 -12.71 -23.14 -5.92
CA MET A 518 -13.26 -22.70 -4.66
C MET A 518 -12.11 -22.52 -3.68
N GLY A 519 -12.26 -21.60 -2.75
CA GLY A 519 -11.18 -21.34 -1.82
C GLY A 519 -11.62 -20.77 -0.49
N ILE A 520 -11.19 -21.43 0.59
CA ILE A 520 -11.56 -21.01 1.94
C ILE A 520 -10.31 -20.94 2.81
N PRO A 521 -10.16 -19.89 3.61
CA PRO A 521 -9.12 -19.88 4.65
C PRO A 521 -9.60 -20.60 5.91
N VAL A 522 -8.66 -21.28 6.56
CA VAL A 522 -8.96 -21.93 7.82
C VAL A 522 -8.46 -21.13 9.01
N THR A 523 -7.50 -20.23 8.83
CA THR A 523 -7.10 -19.30 9.87
C THR A 523 -6.44 -18.10 9.21
N GLU A 524 -6.02 -17.16 10.05
CA GLU A 524 -5.40 -15.94 9.55
C GLU A 524 -4.16 -16.24 8.71
N TYR A 525 -3.49 -17.35 8.97
CA TYR A 525 -2.26 -17.67 8.28
C TYR A 525 -2.37 -18.88 7.37
N ASP A 526 -3.52 -19.55 7.33
CA ASP A 526 -3.69 -20.76 6.54
C ASP A 526 -4.97 -20.68 5.72
N ARG A 527 -4.89 -21.15 4.48
CA ARG A 527 -5.93 -20.88 3.50
C ARG A 527 -5.79 -21.89 2.37
N VAL A 528 -6.80 -22.74 2.19
CA VAL A 528 -6.75 -23.81 1.22
C VAL A 528 -7.71 -23.49 0.07
N ASN A 529 -7.54 -24.21 -1.03
CA ASN A 529 -8.33 -23.99 -2.23
C ASN A 529 -8.42 -25.29 -3.02
N PHE A 530 -9.62 -25.64 -3.44
CA PHE A 530 -9.85 -26.84 -4.21
C PHE A 530 -10.44 -26.46 -5.56
N GLY A 531 -10.54 -27.47 -6.43
CA GLY A 531 -11.18 -27.28 -7.71
C GLY A 531 -11.40 -28.57 -8.48
N LEU A 532 -12.61 -28.79 -8.95
CA LEU A 532 -12.98 -29.99 -9.68
C LEU A 532 -13.36 -29.62 -11.10
N ALA A 533 -12.93 -30.41 -12.06
CA ALA A 533 -13.36 -30.18 -13.44
C ALA A 533 -13.13 -31.45 -14.24
N ALA A 534 -13.36 -31.35 -15.56
CA ALA A 534 -13.20 -32.47 -16.46
C ALA A 534 -12.63 -31.96 -17.77
N GLU A 535 -11.64 -32.66 -18.29
CA GLU A 535 -10.99 -32.24 -19.51
C GLU A 535 -10.94 -33.40 -20.49
N HIS A 536 -10.32 -33.16 -21.64
CA HIS A 536 -10.09 -34.21 -22.62
C HIS A 536 -8.76 -33.98 -23.31
N LEU A 537 -8.09 -35.07 -23.65
CA LEU A 537 -6.79 -35.06 -24.29
C LEU A 537 -6.78 -36.04 -25.46
N THR A 538 -6.07 -35.67 -26.51
CA THR A 538 -5.84 -36.56 -27.66
C THR A 538 -4.34 -36.72 -27.81
N VAL A 539 -3.82 -37.78 -27.20
CA VAL A 539 -2.41 -38.10 -27.33
C VAL A 539 -2.15 -38.66 -28.72
N ASN A 540 -1.02 -38.28 -29.30
CA ASN A 540 -0.69 -38.67 -30.66
C ASN A 540 0.79 -39.06 -30.72
N THR A 541 1.10 -39.96 -31.65
CA THR A 541 2.48 -40.41 -31.86
C THR A 541 2.93 -40.08 -33.27
N TYR A 542 4.09 -40.62 -33.64
CA TYR A 542 4.71 -40.41 -34.93
C TYR A 542 5.17 -41.77 -35.46
N ASN A 543 6.04 -41.74 -36.46
CA ASN A 543 6.72 -42.94 -36.96
C ASN A 543 7.44 -43.63 -35.81
N LYS A 544 7.94 -44.85 -36.07
CA LYS A 544 8.36 -45.80 -35.04
C LYS A 544 9.04 -45.13 -33.85
N ALA A 545 8.48 -45.37 -32.67
CA ALA A 545 8.91 -44.81 -31.41
C ALA A 545 9.30 -45.94 -30.47
N PRO A 546 10.12 -45.66 -29.45
CA PRO A 546 10.60 -46.73 -28.57
C PRO A 546 9.45 -47.48 -27.90
N LYS A 547 9.83 -48.62 -27.31
CA LYS A 547 8.85 -49.55 -26.74
C LYS A 547 7.95 -48.86 -25.73
N ARG A 548 8.46 -47.86 -25.04
CA ARG A 548 7.67 -47.11 -24.07
C ARG A 548 6.49 -46.42 -24.72
N TYR A 549 6.52 -46.26 -26.04
CA TYR A 549 5.39 -45.75 -26.79
C TYR A 549 4.52 -46.87 -27.37
N ALA A 550 5.15 -47.92 -27.89
CA ALA A 550 4.40 -49.01 -28.49
C ALA A 550 3.50 -49.68 -27.47
N ASP A 551 4.04 -49.97 -26.28
CA ASP A 551 3.22 -50.60 -25.25
C ASP A 551 2.08 -49.70 -24.83
N PHE A 552 2.35 -48.40 -24.68
CA PHE A 552 1.32 -47.47 -24.25
C PHE A 552 0.20 -47.39 -25.27
N ILE A 553 0.56 -47.26 -26.55
CA ILE A 553 -0.47 -47.12 -27.57
C ILE A 553 -1.23 -48.41 -27.79
N ARG A 554 -0.55 -49.55 -27.72
CA ARG A 554 -1.24 -50.83 -27.91
C ARG A 554 -1.98 -51.27 -26.67
N LYS A 555 -1.78 -50.60 -25.53
CA LYS A 555 -2.50 -50.91 -24.32
C LYS A 555 -3.80 -50.14 -24.19
N TYR A 556 -3.84 -48.90 -24.65
CA TYR A 556 -5.06 -48.11 -24.62
C TYR A 556 -5.42 -47.51 -25.97
N GLY A 557 -4.43 -47.05 -26.74
CA GLY A 557 -4.68 -46.30 -27.95
C GLY A 557 -4.94 -47.18 -29.15
N LYS A 558 -5.08 -46.52 -30.30
CA LYS A 558 -5.27 -47.18 -31.58
C LYS A 558 -4.23 -46.68 -32.56
N THR A 559 -3.68 -47.60 -33.34
CA THR A 559 -2.63 -47.30 -34.30
C THR A 559 -3.16 -47.40 -35.72
N ASP A 560 -2.65 -46.52 -36.58
CA ASP A 560 -2.93 -46.54 -38.01
C ASP A 560 -1.61 -46.34 -38.74
N GLY A 561 -1.26 -47.31 -39.58
CA GLY A 561 0.02 -47.25 -40.26
C GLY A 561 1.16 -47.21 -39.27
N ALA A 562 2.10 -46.30 -39.49
CA ALA A 562 3.22 -46.10 -38.60
C ALA A 562 2.93 -45.10 -37.50
N ASP A 563 1.68 -44.64 -37.40
CA ASP A 563 1.32 -43.63 -36.40
C ASP A 563 0.15 -44.13 -35.56
N GLY A 564 -0.41 -43.26 -34.73
CA GLY A 564 -1.52 -43.65 -33.88
C GLY A 564 -1.81 -42.57 -32.87
N SER A 565 -2.86 -42.81 -32.09
CA SER A 565 -3.32 -41.81 -31.13
C SER A 565 -4.25 -42.48 -30.12
N PHE A 566 -4.73 -41.68 -29.17
CA PHE A 566 -5.67 -42.13 -28.16
C PHE A 566 -6.37 -40.92 -27.56
N LYS A 567 -7.59 -41.15 -27.06
CA LYS A 567 -8.39 -40.12 -26.43
C LYS A 567 -9.01 -40.68 -25.16
N GLY A 568 -9.29 -39.80 -24.20
CA GLY A 568 -9.88 -40.24 -22.96
C GLY A 568 -10.41 -39.08 -22.16
N LEU A 569 -11.30 -39.40 -21.22
CA LEU A 569 -11.87 -38.40 -20.35
C LEU A 569 -10.92 -38.07 -19.22
N LEU A 570 -11.06 -36.88 -18.66
CA LEU A 570 -10.10 -36.34 -17.73
C LEU A 570 -10.81 -35.71 -16.53
N TYR A 571 -11.69 -36.48 -15.88
CA TYR A 571 -12.19 -36.06 -14.58
C TYR A 571 -11.01 -35.79 -13.65
N LYS A 572 -10.82 -34.53 -13.27
CA LYS A 572 -9.67 -34.13 -12.47
C LYS A 572 -10.13 -33.40 -11.23
N GLY A 573 -9.44 -33.68 -10.12
CA GLY A 573 -9.63 -32.95 -8.89
C GLY A 573 -8.33 -32.28 -8.48
N THR A 574 -8.46 -31.17 -7.77
CA THR A 574 -7.32 -30.36 -7.37
C THR A 574 -7.51 -29.93 -5.93
N VAL A 575 -6.48 -30.12 -5.13
CA VAL A 575 -6.49 -29.72 -3.72
C VAL A 575 -5.19 -29.00 -3.42
N GLY A 576 -5.27 -27.84 -2.77
CA GLY A 576 -4.06 -27.07 -2.56
C GLY A 576 -4.10 -26.20 -1.33
N TRP A 577 -2.90 -25.83 -0.88
CA TRP A 577 -2.71 -24.99 0.30
C TRP A 577 -1.33 -24.37 0.24
N GLY A 578 -1.20 -23.17 0.80
CA GLY A 578 0.08 -22.48 0.81
C GLY A 578 0.08 -21.31 1.77
N ARG A 579 1.26 -20.71 1.91
CA ARG A 579 1.49 -19.53 2.74
C ARG A 579 2.89 -19.00 2.45
N ASN A 580 3.04 -17.69 2.55
CA ASN A 580 4.32 -17.02 2.34
C ASN A 580 4.75 -16.33 3.62
N LYS A 581 6.06 -16.24 3.83
CA LYS A 581 6.58 -15.60 5.02
C LYS A 581 7.78 -14.70 4.77
N THR A 582 8.14 -14.44 3.52
CA THR A 582 9.32 -13.64 3.21
C THR A 582 8.90 -12.30 2.61
N ASP A 583 9.79 -11.31 2.75
CA ASP A 583 9.56 -10.02 2.12
C ASP A 583 9.51 -10.15 0.60
N SER A 584 10.47 -10.90 0.04
CA SER A 584 10.57 -11.10 -1.40
C SER A 584 10.50 -9.78 -2.15
N ALA A 585 9.45 -9.62 -2.97
CA ALA A 585 9.31 -8.47 -3.86
C ALA A 585 10.58 -8.32 -4.70
N SER A 586 11.01 -9.45 -5.26
CA SER A 586 12.23 -9.56 -6.07
C SER A 586 13.47 -9.41 -5.20
N TRP A 587 13.29 -9.14 -3.92
CA TRP A 587 14.42 -9.10 -2.99
C TRP A 587 14.11 -10.02 -1.81
N PRO A 588 14.39 -11.30 -1.92
CA PRO A 588 14.03 -12.23 -0.84
C PRO A 588 14.64 -11.84 0.49
N THR A 589 13.92 -12.07 1.57
CA THR A 589 14.37 -11.73 2.92
C THR A 589 13.87 -12.85 3.84
N ARG A 590 13.95 -12.64 5.15
CA ARG A 590 13.61 -13.68 6.12
C ARG A 590 12.19 -14.20 5.90
N GLY A 591 12.05 -15.52 6.00
CA GLY A 591 10.80 -16.20 5.72
C GLY A 591 10.96 -17.24 4.63
N TYR A 592 9.91 -18.04 4.49
CA TYR A 592 9.93 -19.08 3.48
C TYR A 592 8.50 -19.43 3.05
N LEU A 593 8.41 -20.09 1.90
CA LEU A 593 7.12 -20.53 1.37
C LEU A 593 6.79 -21.92 1.88
N THR A 594 5.54 -22.09 2.29
CA THR A 594 5.00 -23.37 2.72
C THR A 594 3.81 -23.70 1.84
N GLY A 595 3.60 -24.97 1.55
CA GLY A 595 2.46 -25.35 0.77
C GLY A 595 2.52 -26.77 0.27
N VAL A 596 1.37 -27.23 -0.20
CA VAL A 596 1.17 -28.57 -0.72
C VAL A 596 0.08 -28.48 -1.78
N ASN A 597 0.18 -29.34 -2.79
CA ASN A 597 -0.78 -29.32 -3.87
C ASN A 597 -0.96 -30.71 -4.44
N ALA A 598 -2.07 -30.90 -5.14
CA ALA A 598 -2.34 -32.13 -5.88
C ALA A 598 -3.30 -31.73 -7.00
N GLU A 599 -2.75 -31.59 -8.21
CA GLU A 599 -3.48 -31.11 -9.39
C GLU A 599 -3.23 -32.07 -10.55
N ILE A 600 -3.96 -33.18 -10.58
CA ILE A 600 -3.95 -34.08 -11.73
C ILE A 600 -5.33 -34.69 -11.91
N ALA A 601 -5.49 -35.52 -12.93
CA ALA A 601 -6.73 -36.22 -13.19
C ALA A 601 -6.96 -37.23 -12.08
N LEU A 602 -7.81 -36.87 -11.14
CA LEU A 602 -8.09 -37.72 -9.99
C LEU A 602 -9.14 -38.76 -10.38
N PRO A 603 -9.44 -39.73 -9.51
CA PRO A 603 -10.42 -40.77 -9.83
C PRO A 603 -11.77 -40.21 -10.26
N GLY A 604 -12.63 -41.13 -10.68
CA GLY A 604 -13.89 -40.81 -11.31
C GLY A 604 -13.87 -41.04 -12.80
N SER A 605 -12.69 -41.05 -13.40
CA SER A 605 -12.51 -41.39 -14.80
C SER A 605 -11.36 -42.37 -14.88
N LYS A 606 -10.85 -42.63 -16.09
CA LYS A 606 -9.73 -43.54 -16.24
C LYS A 606 -8.50 -42.98 -15.54
N LEU A 607 -7.44 -43.79 -15.52
CA LEU A 607 -6.10 -43.35 -15.12
C LEU A 607 -6.12 -42.83 -13.67
N GLN A 608 -6.39 -43.75 -12.75
CA GLN A 608 -6.54 -43.42 -11.34
C GLN A 608 -5.19 -42.98 -10.79
N TYR A 609 -4.98 -41.68 -10.69
CA TYR A 609 -3.67 -41.12 -10.36
C TYR A 609 -3.76 -40.17 -9.18
N TYR A 610 -2.60 -39.96 -8.54
CA TYR A 610 -2.45 -39.06 -7.42
C TYR A 610 -1.01 -38.55 -7.39
N SER A 611 -0.85 -37.25 -7.16
CA SER A 611 0.46 -36.63 -7.14
C SER A 611 0.46 -35.48 -6.14
N ALA A 612 1.50 -35.43 -5.31
CA ALA A 612 1.60 -34.47 -4.22
C ALA A 612 2.30 -33.20 -4.70
N THR A 613 2.68 -32.36 -3.74
CA THR A 613 3.46 -31.15 -3.98
C THR A 613 4.05 -30.67 -2.67
N HIS A 614 5.14 -29.92 -2.76
CA HIS A 614 5.76 -29.32 -1.59
C HIS A 614 6.58 -28.11 -2.01
N ASN A 615 7.15 -27.43 -1.00
CA ASN A 615 8.02 -26.29 -1.20
C ASN A 615 8.64 -25.90 0.13
N GLN A 616 9.85 -25.35 0.05
CA GLN A 616 10.52 -24.69 1.16
C GLN A 616 11.44 -23.64 0.55
N THR A 617 11.39 -22.43 1.06
CA THR A 617 12.19 -21.32 0.52
C THR A 617 12.92 -20.61 1.64
N TRP A 618 13.59 -21.41 2.48
CA TRP A 618 14.22 -20.86 3.68
C TRP A 618 15.24 -19.80 3.30
N PHE A 619 15.15 -18.64 3.92
CA PHE A 619 16.07 -17.53 3.66
C PHE A 619 16.83 -17.19 4.93
N PHE A 620 18.13 -16.97 4.81
CA PHE A 620 18.97 -16.63 5.96
C PHE A 620 19.65 -15.28 5.71
N PRO A 621 19.01 -14.18 6.14
CA PRO A 621 19.61 -12.84 6.01
C PRO A 621 20.51 -12.50 7.20
N LEU A 622 21.56 -13.27 7.39
CA LEU A 622 22.47 -13.10 8.52
C LEU A 622 23.63 -12.16 8.22
N SER A 623 23.68 -11.60 7.01
CA SER A 623 24.75 -10.70 6.63
C SER A 623 24.16 -9.55 5.84
N LYS A 624 25.00 -8.56 5.53
CA LYS A 624 24.53 -7.40 4.78
C LYS A 624 24.18 -7.78 3.34
N THR A 625 25.03 -8.56 2.69
CA THR A 625 24.82 -8.95 1.30
C THR A 625 24.73 -10.46 1.10
N PHE A 626 25.66 -11.22 1.67
CA PHE A 626 25.64 -12.66 1.52
C PHE A 626 24.44 -13.27 2.25
N THR A 627 23.79 -14.23 1.60
CA THR A 627 22.67 -14.94 2.19
C THR A 627 22.53 -16.28 1.50
N LEU A 628 21.74 -17.17 2.10
CA LEU A 628 21.51 -18.47 1.51
C LEU A 628 20.04 -18.84 1.60
N MET A 629 19.58 -19.55 0.58
CA MET A 629 18.20 -20.03 0.51
C MET A 629 18.20 -21.55 0.33
N LEU A 630 17.35 -22.19 1.13
CA LEU A 630 17.16 -23.64 1.11
C LEU A 630 15.85 -23.96 0.40
N GLY A 631 15.93 -24.80 -0.63
CA GLY A 631 14.77 -25.18 -1.41
C GLY A 631 14.24 -26.54 -0.97
N GLY A 632 12.92 -26.66 -0.98
CA GLY A 632 12.27 -27.85 -0.47
C GLY A 632 11.12 -28.36 -1.32
N GLU A 633 11.13 -29.66 -1.59
CA GLU A 633 10.13 -30.28 -2.43
C GLU A 633 10.05 -31.76 -2.09
N VAL A 634 8.83 -32.29 -2.02
CA VAL A 634 8.62 -33.72 -1.86
C VAL A 634 7.30 -34.09 -2.55
N GLY A 635 7.34 -35.17 -3.32
CA GLY A 635 6.14 -35.64 -3.96
C GLY A 635 6.30 -36.84 -4.86
N ILE A 636 5.23 -37.63 -4.95
CA ILE A 636 5.19 -38.84 -5.77
C ILE A 636 4.01 -38.70 -6.71
N ALA A 637 4.28 -38.85 -8.01
CA ALA A 637 3.24 -38.76 -9.02
C ALA A 637 2.55 -40.08 -9.30
N GLY A 638 2.97 -41.15 -8.64
CA GLY A 638 2.42 -42.46 -8.94
C GLY A 638 0.93 -42.52 -8.65
N GLY A 639 0.21 -43.22 -9.52
CA GLY A 639 -1.21 -43.45 -9.34
C GLY A 639 -1.49 -44.84 -8.79
N TYR A 640 -2.75 -45.25 -8.94
CA TYR A 640 -3.19 -46.56 -8.46
C TYR A 640 -4.34 -47.03 -9.36
N GLY A 641 -5.10 -48.01 -8.89
CA GLY A 641 -6.30 -48.41 -9.59
C GLY A 641 -6.02 -49.34 -10.76
N ARG A 642 -6.91 -49.28 -11.76
CA ARG A 642 -6.80 -50.17 -12.91
C ARG A 642 -5.48 -49.97 -13.64
N THR A 643 -5.10 -48.72 -13.85
CA THR A 643 -3.84 -48.41 -14.52
C THR A 643 -2.71 -48.49 -13.50
N LYS A 644 -1.84 -49.49 -13.66
CA LYS A 644 -0.72 -49.68 -12.76
C LYS A 644 0.56 -49.05 -13.28
N GLU A 645 0.49 -48.31 -14.38
CA GLU A 645 1.64 -47.73 -15.04
C GLU A 645 1.59 -46.21 -14.94
N ILE A 646 2.58 -45.56 -15.56
CA ILE A 646 2.74 -44.12 -15.54
C ILE A 646 2.83 -43.63 -16.98
N PRO A 647 2.06 -42.63 -17.39
CA PRO A 647 2.13 -42.17 -18.78
C PRO A 647 3.48 -41.52 -19.07
N PHE A 648 3.91 -41.68 -20.33
CA PHE A 648 5.13 -41.02 -20.76
C PHE A 648 5.00 -39.52 -20.67
N PHE A 649 3.85 -38.99 -21.08
CA PHE A 649 3.62 -37.56 -21.05
C PHE A 649 3.43 -37.04 -19.63
N GLU A 650 3.17 -37.92 -18.67
CA GLU A 650 3.13 -37.50 -17.28
C GLU A 650 4.47 -37.65 -16.58
N ASN A 651 5.51 -38.03 -17.31
CA ASN A 651 6.83 -38.19 -16.73
C ASN A 651 7.45 -36.84 -16.43
N PHE A 652 8.42 -36.85 -15.50
CA PHE A 652 9.16 -35.65 -15.17
C PHE A 652 10.19 -35.35 -16.25
N TYR A 653 10.54 -34.08 -16.37
CA TYR A 653 11.62 -33.65 -17.26
C TYR A 653 12.90 -33.44 -16.45
N GLY A 654 13.40 -34.55 -15.91
CA GLY A 654 14.52 -34.47 -15.00
C GLY A 654 15.77 -33.92 -15.68
N GLY A 655 16.46 -33.04 -14.96
CA GLY A 655 17.71 -32.47 -15.45
C GLY A 655 17.49 -31.21 -16.24
N GLY A 656 17.97 -30.08 -15.74
CA GLY A 656 17.80 -28.82 -16.43
C GLY A 656 17.57 -27.69 -15.44
N LEU A 657 16.97 -26.62 -15.94
CA LEU A 657 16.78 -25.41 -15.15
C LEU A 657 15.90 -25.67 -13.93
N GLY A 658 14.60 -25.84 -14.16
CA GLY A 658 13.66 -25.97 -13.05
C GLY A 658 13.95 -27.17 -12.16
N SER A 659 14.66 -28.16 -12.69
CA SER A 659 15.07 -29.28 -11.87
C SER A 659 16.28 -28.91 -11.01
N VAL A 660 17.40 -28.62 -11.66
CA VAL A 660 18.67 -28.42 -10.96
C VAL A 660 19.42 -27.18 -11.42
N ARG A 661 18.90 -26.47 -12.42
CA ARG A 661 19.63 -25.38 -13.06
C ARG A 661 20.98 -25.85 -13.61
N GLY A 662 21.07 -27.13 -13.93
CA GLY A 662 22.34 -27.74 -14.28
C GLY A 662 22.54 -27.89 -15.78
N TYR A 663 22.29 -29.08 -16.30
CA TYR A 663 22.48 -29.35 -17.71
C TYR A 663 21.27 -28.80 -18.47
N GLU A 664 21.15 -29.18 -19.74
CA GLU A 664 20.00 -28.76 -20.52
C GLU A 664 18.73 -29.44 -20.01
N SER A 665 17.59 -28.84 -20.35
CA SER A 665 16.33 -29.20 -19.72
C SER A 665 15.93 -30.64 -20.04
N GLY A 666 15.33 -31.29 -19.06
CA GLY A 666 14.76 -32.61 -19.25
C GLY A 666 15.76 -33.66 -19.68
N THR A 667 16.90 -33.73 -18.99
CA THR A 667 18.01 -34.57 -19.43
C THR A 667 18.54 -35.41 -18.28
N LEU A 668 17.64 -36.07 -17.56
CA LEU A 668 18.01 -37.06 -16.56
C LEU A 668 17.34 -38.38 -16.91
N GLY A 669 18.06 -39.48 -16.72
CA GLY A 669 17.51 -40.79 -16.93
C GLY A 669 18.13 -41.50 -18.11
N PRO A 670 17.56 -42.65 -18.48
CA PRO A 670 18.19 -43.47 -19.53
C PRO A 670 17.99 -42.86 -20.91
N LYS A 671 19.11 -42.64 -21.61
CA LYS A 671 19.08 -42.13 -22.97
C LYS A 671 18.95 -43.31 -23.92
N VAL A 672 17.74 -43.56 -24.39
CA VAL A 672 17.40 -44.78 -25.10
C VAL A 672 17.76 -44.64 -26.57
N TYR A 673 18.23 -45.74 -27.16
CA TYR A 673 18.41 -45.82 -28.60
C TYR A 673 17.07 -46.10 -29.27
N ASP A 674 16.92 -45.62 -30.50
CA ASP A 674 15.67 -45.78 -31.22
C ASP A 674 15.98 -45.80 -32.72
N GLU A 675 14.95 -45.59 -33.53
CA GLU A 675 15.17 -45.28 -34.93
C GLU A 675 16.08 -44.07 -35.04
N TYR A 676 17.07 -44.17 -35.92
CA TYR A 676 18.16 -43.21 -36.12
C TYR A 676 19.13 -43.20 -34.96
N GLY A 677 18.89 -44.00 -33.92
CA GLY A 677 19.82 -44.12 -32.80
C GLY A 677 20.05 -42.86 -32.01
N GLU A 678 19.00 -42.10 -31.72
CA GLU A 678 19.15 -40.90 -30.91
C GLU A 678 19.18 -41.28 -29.44
N LYS A 679 19.09 -40.28 -28.57
CA LYS A 679 19.15 -40.49 -27.12
C LYS A 679 18.16 -39.52 -26.47
N ILE A 680 16.98 -40.03 -26.12
CA ILE A 680 15.98 -39.28 -25.38
C ILE A 680 15.63 -40.04 -24.11
N SER A 681 15.64 -39.34 -22.99
CA SER A 681 15.38 -39.94 -21.70
C SER A 681 13.91 -39.82 -21.33
N TYR A 682 13.56 -40.43 -20.20
CA TYR A 682 12.22 -40.36 -19.66
C TYR A 682 12.19 -39.63 -18.31
N GLY A 683 12.98 -40.09 -17.35
CA GLY A 683 12.88 -39.62 -15.99
C GLY A 683 11.84 -40.40 -15.20
N GLY A 684 11.75 -40.08 -13.90
CA GLY A 684 10.86 -40.75 -13.00
C GLY A 684 9.68 -39.88 -12.60
N ASN A 685 9.02 -40.30 -11.52
CA ASN A 685 7.86 -39.60 -10.98
C ASN A 685 8.09 -39.24 -9.52
N LYS A 686 9.35 -39.01 -9.17
CA LYS A 686 9.74 -38.65 -7.81
C LYS A 686 10.29 -37.23 -7.84
N LYS A 687 9.75 -36.36 -6.98
CA LYS A 687 10.19 -34.98 -6.92
C LYS A 687 10.68 -34.64 -5.52
N ALA A 688 11.93 -34.21 -5.43
CA ALA A 688 12.58 -33.88 -4.18
C ALA A 688 13.83 -33.10 -4.50
N ASN A 689 13.97 -31.91 -3.91
CA ASN A 689 15.06 -31.02 -4.29
C ASN A 689 15.54 -30.24 -3.07
N VAL A 690 16.83 -29.90 -3.10
CA VAL A 690 17.52 -29.21 -2.01
C VAL A 690 18.37 -28.10 -2.62
N SER A 691 18.00 -26.85 -2.36
CA SER A 691 18.73 -25.71 -2.89
C SER A 691 19.62 -25.11 -1.82
N ALA A 692 20.79 -24.62 -2.25
CA ALA A 692 21.68 -23.89 -1.35
C ALA A 692 22.59 -23.02 -2.22
N GLU A 693 22.26 -21.73 -2.32
CA GLU A 693 23.03 -20.80 -3.12
C GLU A 693 23.35 -19.56 -2.29
N LEU A 694 24.56 -19.03 -2.47
CA LEU A 694 24.97 -17.80 -1.80
C LEU A 694 24.56 -16.62 -2.65
N LEU A 695 23.39 -16.06 -2.33
CA LEU A 695 22.87 -14.90 -3.04
C LEU A 695 23.44 -13.62 -2.43
N PHE A 696 23.66 -12.63 -3.30
CA PHE A 696 24.16 -11.33 -2.86
C PHE A 696 24.12 -10.34 -4.01
N PRO A 697 23.92 -9.06 -3.72
CA PRO A 697 23.93 -8.03 -4.77
C PRO A 697 25.36 -7.59 -5.09
N MET A 698 25.44 -6.56 -5.93
CA MET A 698 26.70 -5.88 -6.22
C MET A 698 26.67 -4.51 -5.58
N PRO A 699 27.60 -4.19 -4.67
CA PRO A 699 27.57 -2.90 -3.97
C PRO A 699 28.32 -1.77 -4.67
N GLY A 700 28.85 -2.00 -5.88
CA GLY A 700 29.64 -0.98 -6.53
C GLY A 700 28.81 0.24 -6.92
N ALA A 701 27.63 0.02 -7.50
CA ALA A 701 26.87 1.15 -8.04
C ALA A 701 26.11 1.90 -6.95
N LYS A 702 25.13 1.25 -6.35
CA LYS A 702 24.29 1.84 -5.30
C LYS A 702 23.40 0.74 -4.74
N ASP A 703 22.47 1.12 -3.88
CA ASP A 703 21.51 0.19 -3.30
C ASP A 703 20.33 -0.10 -4.22
N ALA A 704 20.49 0.16 -5.52
CA ALA A 704 19.42 -0.09 -6.47
C ALA A 704 19.03 -1.56 -6.47
N ARG A 705 17.73 -1.82 -6.53
CA ARG A 705 17.18 -3.18 -6.49
C ARG A 705 17.28 -3.76 -7.90
N THR A 706 18.52 -3.95 -8.36
CA THR A 706 18.74 -4.23 -9.76
C THR A 706 19.75 -5.35 -10.05
N VAL A 707 20.67 -5.66 -9.14
CA VAL A 707 21.71 -6.64 -9.42
C VAL A 707 21.87 -7.62 -8.26
N ARG A 708 21.92 -8.91 -8.59
CA ARG A 708 22.31 -9.94 -7.65
C ARG A 708 23.46 -10.74 -8.24
N LEU A 709 23.89 -11.77 -7.51
CA LEU A 709 24.93 -12.69 -7.96
C LEU A 709 24.96 -13.87 -7.00
N SER A 710 25.17 -15.08 -7.54
CA SER A 710 25.18 -16.27 -6.71
C SER A 710 25.90 -17.39 -7.45
N LEU A 711 25.72 -18.61 -6.95
CA LEU A 711 26.24 -19.82 -7.59
C LEU A 711 25.09 -20.79 -7.81
N PHE A 712 25.42 -21.95 -8.37
CA PHE A 712 24.45 -22.98 -8.67
C PHE A 712 24.93 -24.29 -8.04
N ALA A 713 24.19 -24.77 -7.04
CA ALA A 713 24.52 -26.03 -6.38
C ALA A 713 23.21 -26.59 -5.84
N ASP A 714 22.64 -27.58 -6.54
CA ASP A 714 21.33 -28.13 -6.23
C ASP A 714 21.41 -29.64 -6.07
N ALA A 715 20.48 -30.18 -5.31
CA ALA A 715 20.28 -31.61 -5.17
C ALA A 715 18.89 -31.97 -5.70
N GLY A 716 18.84 -32.92 -6.62
CA GLY A 716 17.56 -33.34 -7.18
C GLY A 716 17.43 -34.84 -7.34
N SER A 717 16.34 -35.41 -6.83
CA SER A 717 16.12 -36.85 -6.91
C SER A 717 14.85 -37.15 -7.66
N VAL A 718 14.91 -38.17 -8.52
CA VAL A 718 13.75 -38.61 -9.29
C VAL A 718 13.93 -40.08 -9.65
N TRP A 719 12.89 -40.87 -9.43
CA TRP A 719 12.98 -42.31 -9.62
C TRP A 719 11.69 -42.83 -10.24
N ASP A 720 11.80 -43.98 -10.88
CA ASP A 720 10.66 -44.70 -11.42
C ASP A 720 10.47 -46.07 -10.80
N GLY A 721 11.56 -46.76 -10.44
CA GLY A 721 11.48 -48.10 -9.91
C GLY A 721 11.88 -49.15 -10.93
N ARG A 722 11.47 -48.97 -12.18
CA ARG A 722 11.71 -49.99 -13.19
C ARG A 722 13.13 -49.90 -13.73
N THR A 723 13.81 -51.05 -13.76
CA THR A 723 15.10 -51.15 -14.40
C THR A 723 14.91 -51.37 -15.90
N TYR A 724 15.83 -50.82 -16.68
CA TYR A 724 15.78 -50.89 -18.13
C TYR A 724 17.02 -51.60 -18.63
N THR A 725 16.81 -52.65 -19.42
CA THR A 725 17.90 -53.49 -19.89
C THR A 725 17.83 -53.76 -21.39
N ALA A 726 16.63 -53.90 -21.95
CA ALA A 726 16.46 -54.18 -23.37
C ALA A 726 16.15 -52.87 -24.10
N ALA A 727 16.85 -52.64 -25.20
CA ALA A 727 16.73 -51.39 -25.94
C ALA A 727 16.77 -51.70 -27.43
N GLU A 728 16.95 -50.65 -28.24
CA GLU A 728 16.95 -50.76 -29.69
C GLU A 728 18.28 -51.32 -30.18
N ASN A 729 18.48 -52.61 -29.90
CA ASN A 729 19.65 -53.36 -30.34
C ASN A 729 20.96 -52.74 -29.87
N GLY A 730 20.92 -51.99 -28.78
CA GLY A 730 22.11 -51.35 -28.26
C GLY A 730 21.95 -50.90 -26.82
N ASN A 731 22.96 -51.13 -25.99
CA ASN A 731 22.92 -50.70 -24.61
C ASN A 731 23.64 -49.37 -24.49
N ASN A 732 22.96 -48.37 -23.94
CA ASN A 732 23.53 -47.06 -23.74
C ASN A 732 24.19 -46.91 -22.39
N LYS A 733 24.28 -47.98 -21.61
CA LYS A 733 24.87 -47.96 -20.28
C LYS A 733 26.19 -48.70 -20.27
N SER A 734 27.03 -48.35 -19.30
CA SER A 734 28.34 -48.98 -19.18
C SER A 734 28.21 -50.47 -18.86
N VAL A 735 27.29 -50.82 -17.98
CA VAL A 735 27.07 -52.20 -17.57
C VAL A 735 25.75 -52.67 -18.19
N TYR A 736 25.74 -53.92 -18.64
CA TYR A 736 24.53 -54.49 -19.21
C TYR A 736 23.39 -54.52 -18.20
N SER A 737 23.70 -54.71 -16.92
CA SER A 737 22.71 -54.83 -15.87
C SER A 737 22.46 -53.51 -15.16
N GLU A 738 22.53 -52.39 -15.87
CA GLU A 738 22.34 -51.08 -15.26
C GLU A 738 20.88 -50.91 -14.86
N ASN A 739 20.64 -50.78 -13.56
CA ASN A 739 19.29 -50.55 -13.06
C ASN A 739 18.83 -49.13 -13.40
N ALA A 740 17.63 -49.03 -13.93
CA ALA A 740 17.06 -47.74 -14.29
C ALA A 740 16.17 -47.15 -13.20
N HIS A 741 16.07 -47.81 -12.04
CA HIS A 741 15.28 -47.23 -10.96
C HIS A 741 15.86 -45.90 -10.49
N LYS A 742 17.19 -45.83 -10.37
CA LYS A 742 17.87 -44.60 -10.02
C LYS A 742 19.09 -44.43 -10.90
N SER A 743 19.38 -43.17 -11.27
CA SER A 743 20.54 -42.87 -12.09
C SER A 743 21.85 -43.19 -11.37
N THR A 744 21.80 -43.35 -10.06
CA THR A 744 22.97 -43.64 -9.24
C THR A 744 22.45 -44.30 -7.96
N PHE A 745 23.26 -44.31 -6.91
CA PHE A 745 22.88 -44.98 -5.67
C PHE A 745 21.60 -44.39 -5.09
N THR A 746 21.11 -44.98 -4.00
CA THR A 746 19.87 -44.52 -3.38
C THR A 746 19.97 -43.03 -3.08
N ASN A 747 18.84 -42.34 -3.22
CA ASN A 747 18.79 -40.88 -3.15
C ASN A 747 19.65 -40.28 -4.27
N GLU A 748 19.24 -40.57 -5.50
CA GLU A 748 20.06 -40.33 -6.67
C GLU A 748 20.26 -38.85 -6.96
N LEU A 749 21.44 -38.51 -7.48
CA LEU A 749 21.83 -37.14 -7.81
C LEU A 749 23.15 -37.18 -8.57
N ARG A 750 23.40 -36.15 -9.35
CA ARG A 750 24.68 -35.95 -10.02
C ARG A 750 25.39 -34.75 -9.42
N TYR A 751 26.68 -34.91 -9.12
CA TYR A 751 27.48 -33.80 -8.63
C TYR A 751 27.67 -32.75 -9.72
N SER A 752 27.44 -31.49 -9.37
CA SER A 752 27.59 -30.37 -10.30
C SER A 752 27.42 -29.08 -9.52
N ALA A 753 28.19 -28.05 -9.90
CA ALA A 753 28.08 -26.74 -9.25
C ALA A 753 28.82 -25.71 -10.09
N GLY A 754 28.19 -24.57 -10.33
CA GLY A 754 28.83 -23.50 -11.09
C GLY A 754 28.48 -22.13 -10.56
N GLY A 755 28.65 -21.09 -11.38
CA GLY A 755 28.26 -19.74 -11.00
C GLY A 755 26.87 -19.38 -11.50
N ALA A 756 26.44 -18.17 -11.15
CA ALA A 756 25.13 -17.68 -11.59
C ALA A 756 25.15 -16.16 -11.52
N VAL A 757 25.31 -15.53 -12.68
CA VAL A 757 25.17 -14.08 -12.77
C VAL A 757 23.68 -13.74 -12.83
N THR A 758 23.23 -12.91 -11.89
CA THR A 758 21.81 -12.82 -11.58
C THR A 758 21.17 -11.51 -12.03
N TRP A 759 21.66 -10.37 -11.57
CA TRP A 759 21.06 -9.07 -11.89
C TRP A 759 19.62 -9.09 -11.38
N LEU A 760 18.82 -8.08 -11.67
CA LEU A 760 17.37 -8.25 -11.49
C LEU A 760 16.54 -7.99 -12.74
N SER A 761 16.72 -6.85 -13.39
CA SER A 761 15.75 -6.40 -14.39
C SER A 761 16.41 -5.47 -15.39
N PRO A 762 16.91 -6.02 -16.50
CA PRO A 762 17.22 -5.14 -17.64
C PRO A 762 15.96 -4.51 -18.18
N LEU A 763 14.99 -5.34 -18.54
CA LEU A 763 13.60 -4.94 -18.67
C LEU A 763 12.71 -5.85 -17.82
N GLY A 764 13.27 -6.50 -16.81
CA GLY A 764 12.53 -7.45 -16.03
C GLY A 764 13.17 -8.83 -16.03
N PRO A 765 12.49 -9.78 -16.67
CA PRO A 765 12.92 -11.19 -16.58
C PRO A 765 14.31 -11.47 -17.13
N MET A 766 14.97 -12.48 -16.57
CA MET A 766 16.28 -12.90 -17.02
C MET A 766 16.50 -14.39 -16.76
N LYS A 767 17.56 -14.91 -17.36
CA LYS A 767 18.18 -16.17 -16.92
C LYS A 767 19.63 -16.15 -17.38
N PHE A 768 20.56 -16.23 -16.43
CA PHE A 768 21.97 -16.27 -16.75
C PHE A 768 22.72 -16.98 -15.63
N SER A 769 23.60 -17.91 -16.01
CA SER A 769 24.34 -18.71 -15.04
C SER A 769 25.36 -19.56 -15.79
N TYR A 770 26.45 -19.87 -15.10
CA TYR A 770 27.49 -20.75 -15.62
C TYR A 770 27.50 -22.05 -14.83
N ALA A 771 27.41 -23.18 -15.53
CA ALA A 771 27.31 -24.48 -14.90
C ALA A 771 28.61 -25.25 -15.06
N TYR A 772 29.09 -25.82 -13.96
CA TYR A 772 30.21 -26.75 -13.99
C TYR A 772 29.78 -28.07 -13.36
N PRO A 773 29.86 -29.17 -14.08
CA PRO A 773 29.40 -30.46 -13.54
C PRO A 773 30.49 -31.14 -12.73
N LEU A 774 30.20 -32.36 -12.29
CA LEU A 774 31.19 -33.21 -11.67
C LEU A 774 30.77 -34.67 -11.90
N LYS A 775 31.76 -35.56 -11.95
CA LYS A 775 31.55 -36.98 -12.25
C LYS A 775 30.88 -37.12 -13.63
N LYS A 776 31.62 -36.71 -14.65
CA LYS A 776 31.10 -36.74 -16.02
C LYS A 776 30.97 -38.19 -16.48
N LYS A 777 29.73 -38.67 -16.55
CA LYS A 777 29.46 -40.02 -17.01
C LYS A 777 29.57 -40.09 -18.53
N PRO A 778 29.75 -41.30 -19.07
CA PRO A 778 29.72 -41.47 -20.52
C PRO A 778 28.32 -41.57 -21.11
N GLU A 779 27.27 -41.23 -20.35
CA GLU A 779 25.91 -41.30 -20.86
C GLU A 779 25.07 -40.08 -20.55
N ASP A 780 25.68 -38.97 -20.11
CA ASP A 780 24.95 -37.75 -19.81
C ASP A 780 25.54 -36.58 -20.58
N GLU A 781 24.69 -35.60 -20.89
CA GLU A 781 25.08 -34.41 -21.62
C GLU A 781 24.87 -33.18 -20.74
N ILE A 782 25.78 -32.21 -20.86
CA ILE A 782 25.82 -31.07 -19.96
C ILE A 782 25.55 -29.79 -20.76
N GLN A 783 25.28 -28.72 -20.02
CA GLN A 783 25.15 -27.38 -20.60
C GLN A 783 25.67 -26.38 -19.58
N ARG A 784 26.79 -25.73 -19.89
CA ARG A 784 27.43 -24.83 -18.94
C ARG A 784 26.68 -23.51 -18.79
N PHE A 785 26.11 -22.97 -19.86
CA PHE A 785 25.44 -21.68 -19.79
C PHE A 785 24.07 -21.77 -20.45
N GLN A 786 23.10 -21.10 -19.85
CA GLN A 786 21.74 -21.04 -20.38
C GLN A 786 21.20 -19.63 -20.22
N PHE A 787 20.31 -19.24 -21.13
CA PHE A 787 19.77 -17.89 -21.13
C PHE A 787 18.30 -17.93 -21.55
N GLN A 788 17.44 -17.30 -20.75
CA GLN A 788 16.02 -17.18 -21.05
C GLN A 788 15.58 -15.73 -20.81
N LEU A 789 14.54 -15.33 -21.53
CA LEU A 789 14.05 -13.96 -21.46
C LEU A 789 12.53 -13.96 -21.34
N GLY A 790 12.02 -12.92 -20.67
CA GLY A 790 10.58 -12.78 -20.51
C GLY A 790 9.94 -13.90 -19.72
N THR A 791 10.66 -14.48 -18.77
CA THR A 791 10.20 -15.61 -17.96
C THR A 791 9.71 -16.71 -18.90
N THR A 792 8.75 -17.49 -18.44
CA THR A 792 8.12 -18.54 -19.23
C THR A 792 6.62 -18.51 -18.94
N PHE A 793 5.94 -19.55 -19.41
CA PHE A 793 4.50 -19.76 -19.18
C PHE A 793 3.66 -18.49 -19.11
N ALA B 32 5.58 30.68 -26.41
CA ALA B 32 6.53 31.72 -26.77
C ALA B 32 7.56 31.20 -27.76
N GLN B 33 7.21 30.11 -28.45
CA GLN B 33 8.07 29.60 -29.52
C GLN B 33 8.21 30.62 -30.62
N ILE B 34 7.12 31.31 -30.96
CA ILE B 34 7.13 32.31 -32.01
C ILE B 34 6.89 33.73 -31.49
N THR B 35 6.11 33.90 -30.43
CA THR B 35 5.80 35.22 -29.87
C THR B 35 5.26 36.17 -30.92
N GLN B 36 4.45 35.64 -31.83
CA GLN B 36 3.92 36.44 -32.93
C GLN B 36 2.85 37.39 -32.45
N ASP B 37 2.83 38.59 -33.04
CA ASP B 37 1.86 39.61 -32.68
C ASP B 37 0.56 39.33 -33.43
N TRP B 38 -0.54 39.27 -32.68
CA TRP B 38 -1.86 38.99 -33.24
C TRP B 38 -2.91 39.77 -32.46
N SER B 39 -4.15 39.70 -32.92
CA SER B 39 -5.27 40.37 -32.27
C SER B 39 -5.98 39.42 -31.32
N VAL B 40 -6.74 40.01 -30.40
CA VAL B 40 -7.31 39.25 -29.29
C VAL B 40 -8.30 38.20 -29.79
N GLU B 41 -9.15 38.56 -30.75
CA GLU B 41 -10.15 37.63 -31.24
C GLU B 41 -9.51 36.46 -31.99
N LYS B 42 -8.41 36.72 -32.69
CA LYS B 42 -7.69 35.63 -33.35
C LYS B 42 -7.16 34.64 -32.33
N LEU B 43 -6.61 35.14 -31.22
CA LEU B 43 -6.13 34.25 -30.17
C LEU B 43 -7.29 33.49 -29.55
N TYR B 44 -8.43 34.16 -29.35
CA TYR B 44 -9.60 33.47 -28.82
C TYR B 44 -10.03 32.33 -29.72
N ALA B 45 -10.11 32.59 -31.03
CA ALA B 45 -10.51 31.55 -31.96
C ALA B 45 -9.50 30.41 -32.00
N GLU B 46 -8.22 30.75 -31.92
CA GLU B 46 -7.18 29.72 -31.87
C GLU B 46 -7.36 28.84 -30.64
N ALA B 47 -7.61 29.45 -29.49
CA ALA B 47 -7.88 28.67 -28.29
C ALA B 47 -9.13 27.83 -28.45
N GLN B 48 -10.16 28.38 -29.08
CA GLN B 48 -11.40 27.64 -29.28
C GLN B 48 -11.16 26.38 -30.09
N ASP B 49 -10.48 26.51 -31.23
CA ASP B 49 -10.21 25.32 -32.04
C ASP B 49 -9.25 24.38 -31.35
N GLU B 50 -8.33 24.91 -30.54
CA GLU B 50 -7.42 24.05 -29.78
C GLU B 50 -8.20 23.18 -28.81
N LEU B 51 -9.21 23.74 -28.15
CA LEU B 51 -10.14 22.91 -27.39
C LEU B 51 -10.88 21.95 -28.30
N ASN B 52 -11.32 22.43 -29.47
CA ASN B 52 -11.98 21.53 -30.43
C ASN B 52 -11.03 20.45 -30.91
N SER B 53 -9.74 20.77 -31.00
CA SER B 53 -8.72 19.81 -31.45
C SER B 53 -7.94 19.22 -30.29
N SER B 54 -8.38 19.46 -29.05
CA SER B 54 -7.71 18.92 -27.86
C SER B 54 -6.25 19.33 -27.80
N ASN B 55 -5.96 20.55 -28.22
CA ASN B 55 -4.62 21.12 -28.14
C ASN B 55 -4.58 22.08 -26.97
N TYR B 56 -3.58 21.94 -26.12
CA TYR B 56 -3.74 22.68 -24.87
C TYR B 56 -2.53 23.52 -24.52
N THR B 57 -1.32 23.01 -24.72
CA THR B 57 -0.12 23.72 -24.26
C THR B 57 0.01 25.08 -24.92
N ARG B 58 -0.16 25.13 -26.25
CA ARG B 58 -0.16 26.44 -26.90
C ARG B 58 -1.36 27.27 -26.49
N ALA B 59 -2.53 26.62 -26.34
CA ALA B 59 -3.72 27.35 -25.91
C ALA B 59 -3.50 28.01 -24.56
N VAL B 60 -2.94 27.28 -23.60
CA VAL B 60 -2.72 27.86 -22.28
C VAL B 60 -1.58 28.87 -22.31
N LYS B 61 -0.54 28.59 -23.10
CA LYS B 61 0.64 29.44 -23.07
C LYS B 61 0.43 30.76 -23.80
N LEU B 62 -0.54 30.83 -24.70
CA LEU B 62 -0.84 32.10 -25.33
C LEU B 62 -1.62 33.03 -24.40
N TYR B 63 -2.22 32.46 -23.35
CA TYR B 63 -3.02 33.26 -22.42
C TYR B 63 -2.14 34.28 -21.69
N GLU B 64 -1.02 33.82 -21.15
CA GLU B 64 -0.17 34.73 -20.40
C GLU B 64 0.46 35.78 -21.30
N ILE B 65 0.84 35.40 -22.52
CA ILE B 65 1.47 36.37 -23.41
C ILE B 65 0.43 37.41 -23.87
N LEU B 66 -0.81 36.98 -24.10
CA LEU B 66 -1.84 37.96 -24.47
C LEU B 66 -2.14 38.87 -23.28
N GLU B 67 -2.17 38.32 -22.07
CA GLU B 67 -2.44 39.14 -20.90
C GLU B 67 -1.33 40.17 -20.68
N SER B 68 -0.07 39.75 -20.84
CA SER B 68 1.03 40.71 -20.74
C SER B 68 0.93 41.75 -21.84
N ARG B 69 0.60 41.33 -23.06
CA ARG B 69 0.40 42.28 -24.14
C ARG B 69 -0.88 43.08 -23.97
N PHE B 70 -1.90 42.49 -23.35
CA PHE B 70 -3.20 43.13 -23.18
C PHE B 70 -3.59 43.02 -21.71
N PRO B 71 -3.00 43.85 -20.84
CA PRO B 71 -3.31 43.74 -19.40
C PRO B 71 -4.75 44.07 -19.09
N THR B 72 -5.22 45.24 -19.54
CA THR B 72 -6.59 45.66 -19.31
C THR B 72 -7.48 44.94 -20.32
N SER B 73 -7.74 43.67 -20.04
CA SER B 73 -8.56 42.84 -20.92
C SER B 73 -9.37 41.88 -20.08
N ARG B 74 -10.53 41.50 -20.60
CA ARG B 74 -11.39 40.53 -19.95
C ARG B 74 -11.00 39.10 -20.28
N HIS B 75 -9.99 38.91 -21.14
CA HIS B 75 -9.64 37.58 -21.62
C HIS B 75 -8.99 36.72 -20.54
N ALA B 76 -8.54 37.32 -19.43
CA ALA B 76 -7.99 36.53 -18.34
C ALA B 76 -9.03 35.58 -17.77
N ARG B 77 -10.27 36.04 -17.65
CA ARG B 77 -11.32 35.23 -17.03
C ARG B 77 -11.68 34.04 -17.90
N GLN B 78 -11.90 34.27 -19.19
CA GLN B 78 -12.17 33.16 -20.09
C GLN B 78 -10.98 32.22 -20.15
N SER B 79 -9.76 32.78 -20.15
CA SER B 79 -8.56 31.95 -20.19
C SER B 79 -8.51 31.01 -18.98
N GLN B 80 -8.70 31.57 -17.79
CA GLN B 80 -8.62 30.74 -16.60
C GLN B 80 -9.75 29.71 -16.56
N LEU B 81 -10.96 30.09 -16.96
CA LEU B 81 -12.05 29.11 -16.91
C LEU B 81 -11.83 27.99 -17.92
N ASP B 82 -11.36 28.31 -19.12
CA ASP B 82 -11.13 27.26 -20.10
C ASP B 82 -9.95 26.38 -19.69
N THR B 83 -8.92 26.97 -19.08
CA THR B 83 -7.83 26.15 -18.57
C THR B 83 -8.33 25.20 -17.49
N ALA B 84 -9.22 25.70 -16.63
CA ALA B 84 -9.80 24.82 -15.62
C ALA B 84 -10.60 23.69 -16.25
N TYR B 85 -11.37 24.01 -17.29
CA TYR B 85 -12.13 22.97 -17.98
C TYR B 85 -11.19 21.94 -18.58
N ALA B 86 -10.10 22.39 -19.20
CA ALA B 86 -9.13 21.47 -19.78
C ALA B 86 -8.49 20.60 -18.71
N TYR B 87 -8.13 21.21 -17.58
CA TYR B 87 -7.53 20.44 -16.49
C TYR B 87 -8.51 19.42 -15.97
N TYR B 88 -9.79 19.76 -15.93
CA TYR B 88 -10.80 18.76 -15.61
C TYR B 88 -10.80 17.65 -16.65
N LYS B 89 -10.66 18.02 -17.92
CA LYS B 89 -10.48 17.02 -18.96
C LYS B 89 -9.15 16.28 -18.80
N ASP B 90 -8.24 16.80 -17.98
CA ASP B 90 -7.00 16.14 -17.65
C ASP B 90 -7.09 15.56 -16.25
N ASP B 91 -5.98 15.01 -15.76
CA ASP B 91 -5.99 14.37 -14.44
C ASP B 91 -5.97 15.41 -13.32
N GLU B 92 -5.24 16.51 -13.50
CA GLU B 92 -4.99 17.44 -12.41
C GLU B 92 -5.98 18.59 -12.42
N LYS B 93 -6.06 19.25 -11.26
CA LYS B 93 -6.87 20.45 -11.11
C LYS B 93 -6.21 21.50 -10.25
N ASP B 94 -4.97 21.26 -9.80
CA ASP B 94 -4.34 22.16 -8.83
C ASP B 94 -4.13 23.54 -9.41
N LYS B 95 -3.55 23.62 -10.61
CA LYS B 95 -3.35 24.92 -11.22
C LYS B 95 -4.68 25.57 -11.58
N ALA B 96 -5.69 24.77 -11.90
CA ALA B 96 -7.02 25.33 -12.13
C ALA B 96 -7.51 26.06 -10.89
N LEU B 97 -7.50 25.38 -9.75
CA LEU B 97 -7.96 26.01 -8.53
C LEU B 97 -7.06 27.18 -8.14
N ALA B 98 -5.75 27.04 -8.33
CA ALA B 98 -4.86 28.16 -8.07
C ALA B 98 -5.34 29.40 -8.80
N ALA B 99 -5.54 29.26 -10.11
CA ALA B 99 -5.95 30.41 -10.92
C ALA B 99 -7.32 30.92 -10.50
N ILE B 100 -8.26 30.03 -10.18
CA ILE B 100 -9.63 30.48 -9.97
C ILE B 100 -9.76 31.22 -8.65
N GLU B 101 -9.21 30.68 -7.55
CA GLU B 101 -9.21 31.52 -6.36
C GLU B 101 -8.24 32.69 -6.45
N ARG B 102 -7.23 32.62 -7.30
CA ARG B 102 -6.48 33.82 -7.61
C ARG B 102 -7.40 34.91 -8.14
N PHE B 103 -8.23 34.56 -9.13
CA PHE B 103 -9.22 35.51 -9.66
C PHE B 103 -10.19 35.94 -8.57
N ARG B 104 -10.65 35.00 -7.76
CA ARG B 104 -11.55 35.32 -6.66
C ARG B 104 -10.95 36.44 -5.81
N ARG B 105 -9.64 36.38 -5.59
CA ARG B 105 -8.95 37.50 -4.96
C ARG B 105 -8.81 38.69 -5.89
N LEU B 106 -8.89 38.48 -7.21
CA LEU B 106 -8.65 39.58 -8.14
C LEU B 106 -9.89 40.45 -8.32
N HIS B 107 -10.96 39.89 -8.89
CA HIS B 107 -12.18 40.65 -9.15
C HIS B 107 -13.35 39.83 -8.64
N PRO B 108 -13.64 39.92 -7.34
CA PRO B 108 -14.80 39.21 -6.79
C PRO B 108 -16.15 39.78 -7.17
N GLN B 109 -16.19 40.67 -8.16
CA GLN B 109 -17.45 41.24 -8.62
C GLN B 109 -17.76 40.92 -10.07
N HIS B 110 -16.84 40.31 -10.80
CA HIS B 110 -17.15 39.86 -12.15
C HIS B 110 -18.05 38.63 -12.07
N PRO B 111 -19.32 38.72 -12.49
CA PRO B 111 -20.31 37.69 -12.13
C PRO B 111 -19.98 36.28 -12.60
N ASN B 112 -18.85 36.11 -13.28
CA ASN B 112 -18.49 34.79 -13.79
C ASN B 112 -18.20 33.77 -12.69
N MET B 113 -18.03 34.22 -11.44
CA MET B 113 -17.68 33.28 -10.38
C MET B 113 -18.69 32.17 -10.24
N ASP B 114 -19.94 32.40 -10.66
CA ASP B 114 -20.95 31.36 -10.62
C ASP B 114 -20.49 30.12 -11.37
N TYR B 115 -19.92 30.30 -12.56
CA TYR B 115 -19.34 29.16 -13.27
C TYR B 115 -18.22 28.55 -12.46
N ALA B 116 -17.35 29.39 -11.90
CA ALA B 116 -16.15 28.91 -11.23
C ALA B 116 -16.50 27.91 -10.15
N LEU B 117 -17.24 28.36 -9.13
CA LEU B 117 -17.69 27.44 -8.10
C LEU B 117 -18.38 26.24 -8.73
N TYR B 118 -19.21 26.49 -9.75
CA TYR B 118 -19.87 25.38 -10.43
C TYR B 118 -18.85 24.39 -10.97
N LEU B 119 -17.89 24.87 -11.74
CA LEU B 119 -16.88 23.95 -12.25
C LEU B 119 -16.05 23.39 -11.11
N ARG B 120 -15.91 24.13 -10.01
CA ARG B 120 -15.34 23.55 -8.81
C ARG B 120 -16.10 22.30 -8.42
N GLY B 121 -17.42 22.44 -8.27
CA GLY B 121 -18.24 21.27 -8.02
C GLY B 121 -18.10 20.25 -9.12
N LEU B 122 -17.86 20.70 -10.34
CA LEU B 122 -17.61 19.75 -11.42
C LEU B 122 -16.23 19.11 -11.27
N VAL B 123 -15.20 19.90 -10.95
CA VAL B 123 -13.87 19.31 -10.93
C VAL B 123 -13.75 18.32 -9.79
N LEU B 124 -14.41 18.59 -8.67
CA LEU B 124 -14.50 17.61 -7.61
C LEU B 124 -15.51 16.52 -7.90
N PHE B 125 -16.38 16.71 -8.90
CA PHE B 125 -17.33 15.65 -9.23
C PHE B 125 -16.65 14.51 -9.95
N ASN B 126 -15.74 14.82 -10.89
CA ASN B 126 -15.04 13.81 -11.67
C ASN B 126 -16.02 12.91 -12.41
N GLU B 127 -16.73 13.46 -13.40
CA GLU B 127 -17.65 12.65 -14.19
C GLU B 127 -16.93 11.51 -14.88
N ASP B 128 -15.64 11.68 -15.19
CA ASP B 128 -14.80 10.63 -15.76
C ASP B 128 -15.38 10.14 -17.09
N GLN B 129 -15.35 11.02 -18.08
CA GLN B 129 -15.83 10.69 -19.42
C GLN B 129 -14.74 9.88 -20.14
N SER B 130 -14.88 8.56 -20.09
CA SER B 130 -13.96 7.66 -20.77
C SER B 130 -14.72 6.45 -21.28
N PHE B 131 -14.33 5.96 -22.46
CA PHE B 131 -15.04 4.84 -23.07
C PHE B 131 -14.78 3.53 -22.33
N LEU B 132 -13.59 3.37 -21.76
CA LEU B 132 -13.22 2.12 -21.11
C LEU B 132 -14.02 1.85 -19.85
N ASN B 133 -14.64 2.87 -19.26
CA ASN B 133 -15.36 2.76 -18.00
C ASN B 133 -16.72 3.42 -18.11
N LYS B 134 -17.46 3.09 -19.16
CA LYS B 134 -18.79 3.65 -19.36
C LYS B 134 -19.68 3.38 -18.14
N LEU B 135 -19.98 2.10 -17.90
CA LEU B 135 -20.70 1.67 -16.70
C LEU B 135 -21.96 2.50 -16.49
N ALA B 136 -22.92 2.28 -17.40
CA ALA B 136 -24.17 3.04 -17.40
C ALA B 136 -24.77 3.16 -16.00
N SER B 137 -24.49 2.22 -15.10
CA SER B 137 -24.95 2.33 -13.71
C SER B 137 -24.35 3.55 -13.04
N GLN B 138 -23.04 3.54 -12.81
CA GLN B 138 -22.27 4.69 -12.33
C GLN B 138 -22.96 5.39 -11.16
N ASP B 139 -23.01 4.68 -10.03
CA ASP B 139 -23.68 5.20 -8.85
C ASP B 139 -23.01 6.43 -8.27
N TRP B 140 -21.77 6.75 -8.69
CA TRP B 140 -20.98 7.85 -8.16
C TRP B 140 -20.70 7.72 -6.68
N SER B 141 -21.00 6.56 -6.08
CA SER B 141 -21.00 6.39 -4.64
C SER B 141 -19.63 6.00 -4.11
N ASP B 142 -18.56 6.46 -4.75
CA ASP B 142 -17.22 6.01 -4.42
C ASP B 142 -16.17 7.10 -4.45
N ARG B 143 -16.51 8.32 -4.86
CA ARG B 143 -15.48 9.32 -5.10
C ARG B 143 -14.74 9.69 -3.81
N ASP B 144 -15.41 10.38 -2.90
CA ASP B 144 -14.94 10.64 -1.54
C ASP B 144 -15.97 11.46 -0.78
N PRO B 145 -15.99 11.38 0.55
CA PRO B 145 -16.79 12.34 1.32
C PRO B 145 -16.34 13.78 1.15
N LYS B 146 -15.04 14.01 0.97
CA LYS B 146 -14.56 15.38 0.85
C LYS B 146 -15.14 16.06 -0.37
N ALA B 147 -15.23 15.34 -1.50
CA ALA B 147 -15.71 15.94 -2.73
C ALA B 147 -17.13 16.45 -2.56
N ASN B 148 -18.04 15.60 -2.09
CA ASN B 148 -19.42 16.05 -2.00
C ASN B 148 -19.65 16.99 -0.82
N ARG B 149 -18.84 16.91 0.25
CA ARG B 149 -18.92 17.95 1.27
C ARG B 149 -18.62 19.31 0.66
N GLU B 150 -17.53 19.40 -0.09
CA GLU B 150 -17.15 20.66 -0.70
C GLU B 150 -18.17 21.09 -1.73
N ALA B 151 -18.74 20.14 -2.47
CA ALA B 151 -19.79 20.47 -3.42
C ALA B 151 -20.98 21.07 -2.70
N TYR B 152 -21.42 20.44 -1.62
CA TYR B 152 -22.57 20.94 -0.89
C TYR B 152 -22.32 22.36 -0.41
N GLN B 153 -21.13 22.59 0.19
CA GLN B 153 -20.87 23.93 0.71
C GLN B 153 -20.73 24.96 -0.41
N ALA B 154 -20.11 24.57 -1.53
CA ALA B 154 -19.94 25.50 -2.64
C ALA B 154 -21.28 25.91 -3.22
N PHE B 155 -22.15 24.93 -3.50
CA PHE B 155 -23.44 25.27 -4.05
C PHE B 155 -24.32 25.98 -3.03
N ALA B 156 -24.12 25.71 -1.73
CA ALA B 156 -24.84 26.46 -0.72
C ALA B 156 -24.46 27.92 -0.75
N GLU B 157 -23.17 28.21 -0.86
CA GLU B 157 -22.75 29.60 -0.99
C GLU B 157 -23.29 30.21 -2.28
N LEU B 158 -23.28 29.43 -3.36
CA LEU B 158 -23.86 29.89 -4.62
C LEU B 158 -25.30 30.33 -4.44
N VAL B 159 -26.12 29.47 -3.87
CA VAL B 159 -27.55 29.76 -3.78
C VAL B 159 -27.81 30.88 -2.78
N GLN B 160 -27.07 30.90 -1.67
CA GLN B 160 -27.27 31.96 -0.69
C GLN B 160 -26.84 33.32 -1.22
N ARG B 161 -25.89 33.35 -2.17
CA ARG B 161 -25.51 34.61 -2.78
C ARG B 161 -26.13 34.83 -4.16
N PHE B 162 -26.47 33.76 -4.88
CA PHE B 162 -27.09 33.86 -6.20
C PHE B 162 -28.27 32.92 -6.27
N PRO B 163 -29.35 33.21 -5.54
CA PRO B 163 -30.56 32.40 -5.70
C PRO B 163 -31.09 32.43 -7.11
N ASN B 164 -31.02 33.58 -7.78
CA ASN B 164 -31.35 33.71 -9.19
C ASN B 164 -30.06 33.65 -9.99
N SER B 165 -29.45 32.47 -10.00
CA SER B 165 -28.22 32.25 -10.74
C SER B 165 -28.56 31.98 -12.19
N LYS B 166 -27.51 31.95 -13.03
CA LYS B 166 -27.71 31.54 -14.42
C LYS B 166 -28.27 30.13 -14.51
N TYR B 167 -28.06 29.33 -13.47
CA TYR B 167 -28.60 27.98 -13.41
C TYR B 167 -28.44 27.49 -11.97
N ALA B 168 -29.52 26.98 -11.40
CA ALA B 168 -29.47 26.41 -10.06
C ALA B 168 -30.14 25.06 -9.94
N ALA B 169 -31.01 24.69 -10.88
CA ALA B 169 -31.64 23.38 -10.84
C ALA B 169 -30.59 22.28 -10.94
N ASP B 170 -29.58 22.48 -11.78
CA ASP B 170 -28.47 21.54 -11.82
C ASP B 170 -27.77 21.46 -10.46
N ALA B 171 -27.62 22.60 -9.80
CA ALA B 171 -27.02 22.61 -8.47
C ALA B 171 -27.85 21.77 -7.51
N THR B 172 -29.16 21.98 -7.51
CA THR B 172 -30.03 21.24 -6.61
C THR B 172 -29.98 19.75 -6.91
N ALA B 173 -29.99 19.39 -8.19
CA ALA B 173 -29.86 17.99 -8.57
C ALA B 173 -28.55 17.44 -8.06
N ARG B 174 -27.47 18.21 -8.17
CA ARG B 174 -26.18 17.73 -7.70
C ARG B 174 -26.20 17.48 -6.20
N MET B 175 -26.75 18.42 -5.42
CA MET B 175 -26.76 18.19 -3.98
C MET B 175 -27.63 17.01 -3.60
N VAL B 176 -28.81 16.87 -4.22
CA VAL B 176 -29.66 15.76 -3.84
C VAL B 176 -29.02 14.44 -4.25
N LYS B 177 -28.38 14.40 -5.41
CA LYS B 177 -27.71 13.17 -5.83
C LYS B 177 -26.57 12.82 -4.89
N LEU B 178 -25.79 13.82 -4.46
CA LEU B 178 -24.66 13.52 -3.60
C LEU B 178 -25.11 13.08 -2.22
N VAL B 179 -26.17 13.71 -1.67
CA VAL B 179 -26.64 13.28 -0.37
C VAL B 179 -27.25 11.89 -0.47
N ASP B 180 -27.91 11.58 -1.59
CA ASP B 180 -28.43 10.24 -1.78
C ASP B 180 -27.30 9.23 -1.83
N ALA B 181 -26.20 9.59 -2.51
CA ALA B 181 -25.04 8.71 -2.57
C ALA B 181 -24.45 8.51 -1.18
N LEU B 182 -24.37 9.57 -0.39
CA LEU B 182 -23.87 9.45 0.98
C LEU B 182 -24.73 8.48 1.77
N GLY B 183 -26.05 8.68 1.74
CA GLY B 183 -26.93 7.82 2.50
C GLY B 183 -26.83 6.37 2.06
N GLY B 184 -26.76 6.15 0.74
CA GLY B 184 -26.58 4.79 0.25
C GLY B 184 -25.27 4.19 0.71
N ASN B 185 -24.21 5.00 0.73
CA ASN B 185 -22.93 4.51 1.24
C ASN B 185 -23.08 4.02 2.66
N GLU B 186 -23.67 4.85 3.53
CA GLU B 186 -23.73 4.49 4.93
C GLU B 186 -24.66 3.31 5.15
N MET B 187 -25.77 3.27 4.42
CA MET B 187 -26.68 2.14 4.50
C MET B 187 -26.00 0.86 4.07
N SER B 188 -25.21 0.91 3.00
CA SER B 188 -24.47 -0.26 2.56
C SER B 188 -23.48 -0.69 3.63
N VAL B 189 -22.83 0.28 4.28
CA VAL B 189 -21.92 -0.05 5.37
C VAL B 189 -22.67 -0.80 6.46
N ALA B 190 -23.86 -0.31 6.81
CA ALA B 190 -24.64 -0.95 7.86
C ALA B 190 -25.05 -2.36 7.46
N ARG B 191 -25.52 -2.53 6.23
CA ARG B 191 -25.97 -3.85 5.82
C ARG B 191 -24.81 -4.82 5.73
N TYR B 192 -23.63 -4.35 5.31
CA TYR B 192 -22.49 -5.25 5.30
C TYR B 192 -22.06 -5.59 6.71
N TYR B 193 -22.14 -4.63 7.62
CA TYR B 193 -21.95 -4.93 9.02
C TYR B 193 -22.90 -6.04 9.46
N MET B 194 -24.13 -5.98 8.97
CA MET B 194 -25.10 -7.03 9.26
C MET B 194 -24.67 -8.37 8.68
N LYS B 195 -24.11 -8.36 7.48
CA LYS B 195 -23.49 -9.57 6.96
C LYS B 195 -22.47 -10.12 7.94
N ARG B 196 -21.78 -9.23 8.66
CA ARG B 196 -20.94 -9.64 9.76
C ARG B 196 -21.65 -9.53 11.10
N GLY B 197 -22.91 -9.12 11.10
CA GLY B 197 -23.66 -9.00 12.33
C GLY B 197 -23.10 -8.00 13.31
N ALA B 198 -22.52 -6.90 12.82
CA ALA B 198 -21.93 -5.88 13.68
C ALA B 198 -23.06 -4.99 14.23
N TYR B 199 -23.83 -5.58 15.15
CA TYR B 199 -25.03 -4.92 15.63
C TYR B 199 -24.67 -3.60 16.31
N ILE B 200 -23.64 -3.64 17.15
CA ILE B 200 -23.28 -2.48 17.95
C ILE B 200 -22.93 -1.29 17.07
N ALA B 201 -22.10 -1.52 16.05
CA ALA B 201 -21.73 -0.44 15.16
C ALA B 201 -22.95 0.08 14.41
N ALA B 202 -23.78 -0.83 13.92
CA ALA B 202 -24.95 -0.41 13.16
C ALA B 202 -25.88 0.42 14.01
N ALA B 203 -25.83 0.22 15.33
CA ALA B 203 -26.66 1.05 16.20
C ALA B 203 -26.32 2.52 16.01
N ASN B 204 -25.04 2.86 16.16
CA ASN B 204 -24.65 4.26 15.97
C ASN B 204 -24.80 4.67 14.52
N ARG B 205 -24.62 3.73 13.60
CA ARG B 205 -24.89 4.03 12.19
C ARG B 205 -26.31 4.56 12.03
N ALA B 206 -27.28 3.82 12.53
CA ALA B 206 -28.67 4.25 12.40
C ALA B 206 -28.90 5.55 13.14
N LYS B 207 -28.32 5.70 14.34
CA LYS B 207 -28.59 6.90 15.09
C LYS B 207 -28.14 8.13 14.31
N LYS B 208 -26.97 8.06 13.68
CA LYS B 208 -26.54 9.21 12.90
C LYS B 208 -27.35 9.37 11.61
N ILE B 209 -27.80 8.25 11.02
CA ILE B 209 -28.63 8.36 9.82
C ILE B 209 -29.88 9.17 10.10
N ILE B 210 -30.61 8.79 11.14
CA ILE B 210 -31.82 9.55 11.47
C ILE B 210 -31.44 10.93 12.03
N GLY B 211 -30.29 11.05 12.69
CA GLY B 211 -29.94 12.31 13.31
C GLY B 211 -29.66 13.43 12.31
N SER B 212 -28.95 13.11 11.22
CA SER B 212 -28.46 14.16 10.34
C SER B 212 -28.76 13.92 8.86
N TYR B 213 -29.54 12.90 8.52
CA TYR B 213 -29.76 12.52 7.13
C TYR B 213 -31.25 12.39 6.87
N GLN B 214 -31.97 13.45 7.23
CA GLN B 214 -33.42 13.48 7.15
C GLN B 214 -33.90 13.33 5.72
N ASN B 215 -35.22 13.21 5.54
CA ASN B 215 -35.93 13.13 4.26
C ASN B 215 -35.12 12.44 3.19
N THR B 216 -34.56 11.28 3.51
CA THR B 216 -33.85 10.45 2.55
C THR B 216 -34.58 9.13 2.37
N ARG B 217 -34.49 8.57 1.17
CA ARG B 217 -35.17 7.33 0.86
C ARG B 217 -34.66 6.16 1.69
N TYR B 218 -33.46 6.28 2.25
CA TYR B 218 -32.84 5.18 2.97
C TYR B 218 -33.08 5.31 4.47
N VAL B 219 -34.35 5.24 4.84
CA VAL B 219 -34.78 5.35 6.23
C VAL B 219 -35.50 4.10 6.70
N GLU B 220 -36.36 3.54 5.86
CA GLU B 220 -37.14 2.37 6.26
C GLU B 220 -36.22 1.22 6.64
N GLU B 221 -35.29 0.87 5.75
CA GLU B 221 -34.37 -0.22 6.05
C GLU B 221 -33.48 0.11 7.23
N SER B 222 -33.15 1.39 7.42
CA SER B 222 -32.34 1.78 8.57
C SER B 222 -33.03 1.39 9.86
N LEU B 223 -34.27 1.84 10.04
CA LEU B 223 -34.99 1.53 11.25
C LEU B 223 -35.34 0.06 11.34
N ALA B 224 -35.51 -0.61 10.20
CA ALA B 224 -35.81 -2.03 10.23
C ALA B 224 -34.63 -2.82 10.78
N ILE B 225 -33.44 -2.54 10.26
CA ILE B 225 -32.24 -3.19 10.76
C ILE B 225 -31.99 -2.77 12.19
N LEU B 226 -32.40 -1.55 12.55
CA LEU B 226 -32.37 -1.12 13.95
C LEU B 226 -33.20 -2.04 14.84
N GLU B 227 -34.42 -2.32 14.40
CA GLU B 227 -35.27 -3.24 15.13
C GLU B 227 -34.62 -4.61 15.23
N LEU B 228 -34.03 -5.06 14.12
CA LEU B 228 -33.34 -6.34 14.12
C LEU B 228 -32.21 -6.35 15.13
N ALA B 229 -31.47 -5.25 15.23
CA ALA B 229 -30.38 -5.18 16.17
C ALA B 229 -30.90 -5.30 17.60
N TYR B 230 -31.91 -4.49 17.94
CA TYR B 230 -32.39 -4.51 19.31
C TYR B 230 -32.98 -5.86 19.67
N LYS B 231 -33.74 -6.48 18.76
CA LYS B 231 -34.29 -7.79 19.07
C LYS B 231 -33.19 -8.83 19.17
N LYS B 232 -32.15 -8.72 18.34
CA LYS B 232 -30.98 -9.57 18.49
C LYS B 232 -30.24 -9.27 19.78
N LEU B 233 -30.35 -8.05 20.29
CA LEU B 233 -29.71 -7.67 21.53
C LEU B 233 -30.67 -7.72 22.71
N ASP B 234 -31.86 -8.28 22.52
CA ASP B 234 -32.81 -8.52 23.60
C ASP B 234 -33.20 -7.22 24.30
N LYS B 235 -33.76 -6.30 23.52
CA LYS B 235 -34.15 -4.98 24.00
C LYS B 235 -35.60 -4.76 23.62
N PRO B 236 -36.52 -5.42 24.32
CA PRO B 236 -37.92 -5.44 23.87
C PRO B 236 -38.59 -4.08 23.93
N GLN B 237 -38.40 -3.37 25.04
CA GLN B 237 -39.11 -2.11 25.21
C GLN B 237 -38.69 -1.08 24.18
N LEU B 238 -37.39 -1.00 23.91
CA LEU B 238 -36.94 -0.01 22.93
C LEU B 238 -37.25 -0.45 21.52
N ALA B 239 -37.23 -1.76 21.26
CA ALA B 239 -37.67 -2.25 19.96
C ALA B 239 -39.13 -1.87 19.70
N ALA B 240 -39.98 -2.03 20.72
CA ALA B 240 -41.38 -1.65 20.57
C ALA B 240 -41.53 -0.14 20.43
N ASP B 241 -40.70 0.62 21.13
CA ASP B 241 -40.75 2.08 20.99
C ASP B 241 -40.41 2.48 19.56
N THR B 242 -39.39 1.86 18.99
CA THR B 242 -39.06 2.12 17.60
C THR B 242 -40.15 1.61 16.67
N ARG B 243 -40.84 0.53 17.05
CA ARG B 243 -41.98 0.07 16.27
C ARG B 243 -43.05 1.14 16.21
N ARG B 244 -43.36 1.75 17.36
CA ARG B 244 -44.33 2.82 17.37
C ARG B 244 -43.84 4.00 16.55
N VAL B 245 -42.53 4.29 16.63
CA VAL B 245 -41.97 5.38 15.85
C VAL B 245 -42.20 5.14 14.36
N LEU B 246 -41.85 3.94 13.89
CA LEU B 246 -41.95 3.65 12.47
C LEU B 246 -43.40 3.64 12.02
N GLU B 247 -44.29 3.03 12.80
CA GLU B 247 -45.68 2.97 12.38
C GLU B 247 -46.30 4.35 12.34
N THR B 248 -45.94 5.22 13.29
CA THR B 248 -46.38 6.61 13.21
C THR B 248 -45.83 7.26 11.95
N ASN B 249 -44.58 7.00 11.64
CA ASN B 249 -43.98 7.55 10.44
C ASN B 249 -44.37 6.77 9.19
N PHE B 250 -44.15 5.45 9.19
CA PHE B 250 -44.40 4.61 8.02
C PHE B 250 -45.36 3.52 8.43
N PRO B 251 -46.66 3.83 8.49
CA PRO B 251 -47.64 2.77 8.78
C PRO B 251 -47.65 1.66 7.75
N LYS B 252 -47.38 1.99 6.50
CA LYS B 252 -47.38 1.02 5.41
C LYS B 252 -45.95 0.74 4.98
N SER B 253 -45.56 -0.53 5.06
CA SER B 253 -44.25 -1.02 4.62
C SER B 253 -44.27 -2.54 4.66
N PRO B 254 -43.69 -3.21 3.66
CA PRO B 254 -43.71 -4.69 3.67
C PRO B 254 -43.00 -5.28 4.86
N PHE B 255 -42.07 -4.56 5.47
CA PHE B 255 -41.23 -5.11 6.53
C PHE B 255 -41.90 -5.08 7.89
N LEU B 256 -43.13 -4.56 7.98
CA LEU B 256 -43.90 -4.74 9.20
C LEU B 256 -44.11 -6.21 9.49
N THR B 257 -44.48 -6.98 8.47
CA THR B 257 -44.58 -8.42 8.57
C THR B 257 -43.35 -9.14 8.04
N HIS B 258 -42.44 -8.43 7.40
CA HIS B 258 -41.24 -9.03 6.84
C HIS B 258 -40.07 -8.68 7.74
N ALA B 259 -39.53 -9.69 8.42
CA ALA B 259 -38.25 -9.52 9.06
C ALA B 259 -37.21 -9.17 7.99
N TRP B 260 -36.42 -8.14 8.26
CA TRP B 260 -35.48 -7.66 7.26
C TRP B 260 -34.49 -8.73 6.88
N GLN B 261 -34.12 -8.73 5.60
CA GLN B 261 -33.07 -9.59 5.09
C GLN B 261 -32.17 -8.80 4.18
N PRO B 262 -30.92 -9.21 4.02
CA PRO B 262 -30.01 -8.52 3.10
C PRO B 262 -30.32 -8.85 1.66
N ASP B 263 -30.24 -7.82 0.81
CA ASP B 263 -30.41 -8.03 -0.62
C ASP B 263 -29.19 -8.74 -1.19
N ASP B 264 -29.44 -9.68 -2.11
CA ASP B 264 -28.39 -10.47 -2.74
C ASP B 264 -27.51 -11.18 -1.71
N ARG C 27 -27.47 -17.07 -0.56
CA ARG C 27 -27.51 -16.46 0.76
C ARG C 27 -27.84 -17.49 1.82
N VAL C 28 -27.63 -18.77 1.48
CA VAL C 28 -28.01 -19.88 2.33
C VAL C 28 -26.88 -20.89 2.37
N SER C 29 -27.08 -21.92 3.21
CA SER C 29 -26.24 -23.11 3.23
C SER C 29 -24.78 -22.76 3.54
N LEU C 30 -24.57 -22.27 4.75
CA LEU C 30 -23.21 -22.01 5.21
C LEU C 30 -22.40 -23.29 5.19
N PHE C 31 -21.24 -23.23 4.56
CA PHE C 31 -20.38 -24.38 4.41
C PHE C 31 -19.42 -24.50 5.59
N PRO C 32 -18.92 -25.70 5.86
CA PRO C 32 -18.09 -25.91 7.06
C PRO C 32 -16.74 -25.23 6.98
N SER C 33 -16.73 -23.92 7.17
CA SER C 33 -15.49 -23.16 7.28
C SER C 33 -15.16 -23.00 8.76
N TYR C 34 -14.18 -23.76 9.24
CA TYR C 34 -13.73 -23.66 10.62
C TYR C 34 -12.81 -22.45 10.77
N LYS C 35 -13.33 -21.29 10.39
CA LYS C 35 -12.59 -20.04 10.50
C LYS C 35 -13.61 -18.90 10.57
N LEU C 36 -13.63 -18.19 11.69
CA LEU C 36 -14.56 -17.10 11.90
C LEU C 36 -13.84 -15.94 12.56
N LYS C 37 -14.39 -14.74 12.37
CA LYS C 37 -13.88 -13.55 13.03
C LYS C 37 -14.24 -13.58 14.51
N ILE C 38 -13.44 -12.92 15.32
CA ILE C 38 -13.67 -12.86 16.76
C ILE C 38 -14.53 -11.65 17.10
N ILE C 39 -15.75 -11.92 17.56
CA ILE C 39 -16.74 -10.88 17.81
C ILE C 39 -16.66 -10.48 19.27
N GLN C 40 -16.82 -9.19 19.53
CA GLN C 40 -16.89 -8.66 20.89
C GLN C 40 -18.21 -7.94 21.09
N GLY C 41 -18.75 -8.04 22.31
CA GLY C 41 -19.93 -7.28 22.64
C GLY C 41 -19.61 -5.94 23.29
N ASN C 42 -18.88 -5.99 24.41
CA ASN C 42 -18.45 -4.80 25.14
C ASN C 42 -17.61 -5.28 26.32
N GLU C 43 -17.02 -4.31 27.03
CA GLU C 43 -16.21 -4.61 28.20
C GLU C 43 -16.36 -3.50 29.23
N LEU C 44 -16.27 -3.88 30.50
CA LEU C 44 -16.33 -2.93 31.60
C LEU C 44 -15.48 -3.46 32.74
N GLU C 45 -14.94 -2.53 33.54
CA GLU C 45 -14.02 -2.90 34.60
C GLU C 45 -14.78 -3.05 35.92
N PRO C 46 -14.66 -4.18 36.62
CA PRO C 46 -15.52 -4.42 37.79
C PRO C 46 -15.36 -3.42 38.93
N ARG C 47 -14.15 -2.89 39.16
CA ARG C 47 -13.99 -1.95 40.27
C ARG C 47 -14.82 -0.70 40.08
N ALA C 48 -15.10 -0.34 38.82
CA ALA C 48 -16.06 0.73 38.57
C ALA C 48 -17.43 0.37 39.08
N VAL C 49 -17.84 -0.91 38.91
CA VAL C 49 -19.08 -1.37 39.50
C VAL C 49 -19.02 -1.25 41.02
N ALA C 50 -17.89 -1.65 41.60
CA ALA C 50 -17.69 -1.44 43.03
C ALA C 50 -17.76 0.03 43.38
N ALA C 51 -17.37 0.91 42.45
CA ALA C 51 -17.44 2.35 42.68
C ALA C 51 -18.82 2.92 42.43
N LEU C 52 -19.77 2.12 41.93
CA LEU C 52 -21.09 2.64 41.61
C LEU C 52 -21.85 2.95 42.89
N ARG C 53 -21.94 4.23 43.23
CA ARG C 53 -22.83 4.67 44.29
C ARG C 53 -24.03 5.33 43.66
N PRO C 54 -25.23 5.16 44.20
CA PRO C 54 -26.39 5.88 43.66
C PRO C 54 -26.32 7.36 43.98
N GLY C 55 -26.90 8.16 43.09
CA GLY C 55 -27.18 9.55 43.40
C GLY C 55 -26.10 10.56 43.08
N MET C 56 -25.63 10.58 41.83
CA MET C 56 -24.80 11.68 41.35
C MET C 56 -25.08 11.89 39.87
N THR C 57 -24.47 12.95 39.33
CA THR C 57 -24.88 13.51 38.05
C THR C 57 -24.28 12.73 36.89
N LYS C 58 -24.61 13.20 35.69
CA LYS C 58 -24.15 12.56 34.47
C LYS C 58 -22.64 12.63 34.32
N ASP C 59 -22.06 13.80 34.58
CA ASP C 59 -20.61 13.95 34.46
C ASP C 59 -19.89 13.12 35.51
N GLN C 60 -20.46 13.03 36.72
CA GLN C 60 -19.83 12.26 37.79
C GLN C 60 -19.70 10.80 37.39
N VAL C 61 -20.81 10.20 36.97
CA VAL C 61 -20.79 8.80 36.58
C VAL C 61 -19.98 8.64 35.29
N LEU C 62 -19.96 9.68 34.46
CA LEU C 62 -19.16 9.67 33.25
C LEU C 62 -17.69 9.46 33.57
N LEU C 63 -17.16 10.30 34.46
CA LEU C 63 -15.77 10.17 34.84
C LEU C 63 -15.55 8.87 35.60
N LEU C 64 -16.55 8.45 36.38
CA LEU C 64 -16.46 7.21 37.14
C LEU C 64 -16.23 6.05 36.20
N LEU C 65 -16.96 6.03 35.09
CA LEU C 65 -16.90 4.91 34.17
C LEU C 65 -16.19 5.27 32.87
N GLY C 66 -16.68 6.26 32.15
CA GLY C 66 -16.15 6.58 30.84
C GLY C 66 -17.26 6.68 29.83
N SER C 67 -16.87 6.79 28.58
CA SER C 67 -17.85 7.01 27.52
C SER C 67 -18.65 5.74 27.27
N PRO C 68 -19.97 5.79 27.40
CA PRO C 68 -20.78 4.65 26.95
C PRO C 68 -20.67 4.46 25.45
N ILE C 69 -20.75 3.20 25.03
CA ILE C 69 -20.57 2.90 23.62
C ILE C 69 -21.73 3.44 22.78
N LEU C 70 -22.92 3.50 23.34
CA LEU C 70 -24.09 3.99 22.64
C LEU C 70 -24.81 5.01 23.53
N ARG C 71 -25.63 5.84 22.89
CA ARG C 71 -26.45 6.79 23.64
C ARG C 71 -27.60 7.24 22.75
N ASP C 72 -28.82 6.94 23.16
CA ASP C 72 -30.01 7.45 22.48
C ASP C 72 -30.24 8.90 22.94
N ALA C 73 -31.33 9.50 22.48
CA ALA C 73 -31.60 10.90 22.82
C ALA C 73 -32.99 11.07 23.43
N PHE C 74 -33.96 10.31 22.93
CA PHE C 74 -35.35 10.52 23.35
C PHE C 74 -35.59 10.02 24.78
N HIS C 75 -34.84 9.02 25.21
CA HIS C 75 -34.93 8.43 26.54
C HIS C 75 -33.54 8.26 27.13
N THR C 76 -32.76 9.34 27.09
CA THR C 76 -31.32 9.22 27.27
C THR C 76 -30.89 9.07 28.72
N ASP C 77 -31.54 8.16 29.45
CA ASP C 77 -30.98 7.62 30.69
C ASP C 77 -31.18 6.11 30.64
N ARG C 78 -30.32 5.41 29.88
CA ARG C 78 -30.41 3.97 29.75
C ARG C 78 -29.03 3.32 29.62
N TRP C 79 -27.98 4.00 30.06
CA TRP C 79 -26.62 3.65 29.68
C TRP C 79 -26.26 2.25 30.18
N ASP C 80 -26.08 1.32 29.25
CA ASP C 80 -25.74 -0.05 29.57
C ASP C 80 -24.65 -0.55 28.64
N TYR C 81 -23.85 -1.48 29.15
CA TYR C 81 -22.83 -2.15 28.37
C TYR C 81 -23.23 -3.61 28.16
N THR C 82 -22.42 -4.34 27.42
CA THR C 82 -22.79 -5.71 27.08
C THR C 82 -21.52 -6.56 26.96
N PHE C 83 -21.65 -7.70 26.30
CA PHE C 83 -20.56 -8.63 26.04
C PHE C 83 -21.06 -9.70 25.09
N ASN C 84 -20.16 -10.19 24.24
CA ASN C 84 -20.41 -11.42 23.49
C ASN C 84 -19.12 -11.94 22.90
N THR C 85 -18.80 -13.20 23.20
CA THR C 85 -17.79 -13.95 22.46
C THR C 85 -18.43 -14.75 21.33
N SER C 86 -19.15 -14.03 20.47
CA SER C 86 -20.05 -14.65 19.50
C SER C 86 -19.29 -15.51 18.49
N ARG C 87 -20.05 -16.38 17.83
CA ARG C 87 -19.56 -17.20 16.73
C ARG C 87 -20.56 -17.11 15.58
N ASN C 88 -20.15 -16.50 14.48
CA ASN C 88 -21.02 -16.30 13.33
C ASN C 88 -22.30 -15.56 13.72
N GLY C 89 -22.18 -14.63 14.68
CA GLY C 89 -23.29 -13.79 15.06
C GLY C 89 -24.18 -14.31 16.18
N ILE C 90 -23.92 -15.51 16.69
CA ILE C 90 -24.78 -16.06 17.73
C ILE C 90 -24.29 -15.60 19.09
N ILE C 91 -25.23 -15.30 19.98
CA ILE C 91 -24.87 -14.92 21.35
C ILE C 91 -24.17 -16.07 22.02
N LYS C 92 -23.03 -15.78 22.65
CA LYS C 92 -22.30 -16.80 23.39
C LYS C 92 -22.18 -16.46 24.87
N GLU C 93 -21.75 -15.25 25.21
CA GLU C 93 -21.79 -14.77 26.58
C GLU C 93 -22.30 -13.34 26.57
N ARG C 94 -22.85 -12.92 27.70
CA ARG C 94 -23.42 -11.58 27.79
C ARG C 94 -23.44 -11.14 29.25
N SER C 95 -23.48 -9.83 29.44
CA SER C 95 -23.52 -9.23 30.78
C SER C 95 -23.95 -7.78 30.63
N ASN C 96 -24.96 -7.38 31.39
CA ASN C 96 -25.60 -6.09 31.17
C ASN C 96 -25.83 -5.37 32.50
N LEU C 97 -25.75 -4.04 32.45
CA LEU C 97 -26.06 -3.20 33.60
C LEU C 97 -26.64 -1.89 33.09
N THR C 98 -27.97 -1.81 33.04
CA THR C 98 -28.63 -0.57 32.70
C THR C 98 -28.61 0.38 33.89
N VAL C 99 -28.56 1.66 33.60
CA VAL C 99 -28.57 2.70 34.63
C VAL C 99 -29.57 3.77 34.22
N TYR C 100 -30.24 4.35 35.21
CA TYR C 100 -31.28 5.33 34.98
C TYR C 100 -30.90 6.64 35.66
N PHE C 101 -31.46 7.72 35.14
CA PHE C 101 -31.16 9.06 35.64
C PHE C 101 -32.42 9.91 35.57
N GLU C 102 -32.49 10.89 36.47
CA GLU C 102 -33.52 11.90 36.43
C GLU C 102 -32.86 13.23 36.72
N ASN C 103 -33.35 14.29 36.05
CA ASN C 103 -32.92 15.68 36.22
C ASN C 103 -31.43 15.80 36.52
N GLY C 104 -30.61 15.05 35.80
CA GLY C 104 -29.17 15.07 35.97
C GLY C 104 -28.65 14.52 37.28
N VAL C 105 -29.18 13.38 37.72
CA VAL C 105 -28.64 12.70 38.90
C VAL C 105 -28.95 11.22 38.77
N LEU C 106 -28.10 10.40 39.37
CA LEU C 106 -28.34 8.97 39.39
C LEU C 106 -29.53 8.65 40.29
N VAL C 107 -30.43 7.81 39.77
CA VAL C 107 -31.57 7.34 40.52
C VAL C 107 -31.45 5.86 40.87
N ARG C 108 -31.04 5.03 39.92
CA ARG C 108 -30.95 3.60 40.15
C ARG C 108 -30.19 2.95 39.01
N THR C 109 -29.87 1.66 39.19
CA THR C 109 -29.27 0.85 38.15
C THR C 109 -29.54 -0.61 38.49
N GLU C 110 -29.47 -1.45 37.45
CA GLU C 110 -29.72 -2.88 37.64
C GLU C 110 -29.19 -3.64 36.44
N GLY C 111 -28.82 -4.89 36.67
CA GLY C 111 -28.34 -5.74 35.60
C GLY C 111 -27.70 -6.99 36.13
N ASP C 112 -27.29 -7.85 35.20
CA ASP C 112 -26.76 -9.16 35.54
C ASP C 112 -25.26 -9.16 35.77
N ALA C 113 -24.55 -8.09 35.43
CA ALA C 113 -23.09 -8.11 35.54
C ALA C 113 -22.60 -7.73 36.92
N LEU C 114 -23.44 -7.07 37.72
CA LEU C 114 -22.96 -6.53 38.99
C LEU C 114 -22.52 -7.65 39.93
N GLN C 115 -23.30 -8.73 40.02
CA GLN C 115 -22.98 -9.78 40.98
C GLN C 115 -21.69 -10.50 40.57
N ASN C 116 -21.58 -10.91 39.30
CA ASN C 116 -20.37 -11.61 38.87
C ASN C 116 -19.15 -10.72 38.99
N ALA C 117 -19.29 -9.44 38.68
CA ALA C 117 -18.20 -8.50 38.94
C ALA C 117 -17.86 -8.47 40.42
N ALA C 118 -18.86 -8.62 41.29
CA ALA C 118 -18.60 -8.59 42.72
C ALA C 118 -17.74 -9.77 43.16
N GLU C 119 -18.09 -10.99 42.74
CA GLU C 119 -17.22 -12.08 43.18
C GLU C 119 -15.89 -12.08 42.44
N ALA C 120 -15.83 -11.50 41.23
CA ALA C 120 -14.53 -11.34 40.59
C ALA C 120 -13.63 -10.43 41.39
N LEU C 121 -14.17 -9.30 41.85
CA LEU C 121 -13.41 -8.37 42.66
C LEU C 121 -12.99 -8.99 43.98
N ARG C 122 -13.89 -9.77 44.60
CA ARG C 122 -13.52 -10.46 45.83
C ARG C 122 -12.43 -11.49 45.57
N ALA C 123 -12.47 -12.14 44.40
CA ALA C 123 -11.48 -13.16 44.07
C ALA C 123 -10.10 -12.55 43.90
N LYS C 124 -9.98 -11.50 43.09
CA LYS C 124 -8.65 -10.91 42.91
C LYS C 124 -8.28 -9.95 44.02
N GLN C 125 -9.19 -9.68 44.95
CA GLN C 125 -8.86 -8.90 46.14
C GLN C 125 -9.41 -9.57 47.39
#